data_7CYU
# 
_entry.id   7CYU 
# 
_audit_conform.dict_name       mmcif_pdbx.dic 
_audit_conform.dict_version    5.380 
_audit_conform.dict_location   http://mmcif.pdb.org/dictionaries/ascii/mmcif_pdbx.dic 
# 
loop_
_database_2.database_id 
_database_2.database_code 
_database_2.pdbx_database_accession 
_database_2.pdbx_DOI 
PDB   7CYU         pdb_00007cyu 10.2210/pdb7cyu/pdb 
WWPDB D_1300018452 ?            ?                   
# 
_pdbx_database_status.status_code                     REL 
_pdbx_database_status.status_code_sf                  REL 
_pdbx_database_status.status_code_mr                  ? 
_pdbx_database_status.entry_id                        7CYU 
_pdbx_database_status.recvd_initial_deposition_date   2020-09-04 
_pdbx_database_status.SG_entry                        N 
_pdbx_database_status.deposit_site                    PDBJ 
_pdbx_database_status.process_site                    PDBJ 
_pdbx_database_status.status_code_cs                  ? 
_pdbx_database_status.status_code_nmr_data            ? 
_pdbx_database_status.methods_development_category    ? 
_pdbx_database_status.pdb_format_compatible           Y 
# 
loop_
_audit_author.name 
_audit_author.pdbx_ordinal 
_audit_author.identifier_ORCID 
'Heo, Y.'    1 0000-0002-2233-4306 
'Yun, J.H.'  2 0000-0001-7570-369X 
'Park, J.H.' 3 0000-0001-5690-9705 
'Lee, W.'    4 0000-0003-2347-1262 
# 
_citation.abstract                  ? 
_citation.abstract_id_CAS           ? 
_citation.book_id_ISBN              ? 
_citation.book_publisher            ? 
_citation.book_publisher_city       ? 
_citation.book_title                ? 
_citation.coordinate_linkage        ? 
_citation.country                   US 
_citation.database_id_Medline       ? 
_citation.details                   ? 
_citation.id                        primary 
_citation.journal_abbrev            Biochem.Biophys.Res.Commun. 
_citation.journal_id_ASTM           BBRCA9 
_citation.journal_id_CSD            0146 
_citation.journal_id_ISSN           1090-2104 
_citation.journal_full              ? 
_citation.journal_issue             ? 
_citation.journal_volume            533 
_citation.language                  ? 
_citation.page_first                919 
_citation.page_last                 924 
_citation.title                     
'Crystal structure of the HMG domain of human BAF57 and its interaction with four-way junction DNA.' 
_citation.year                      2020 
_citation.database_id_CSD           ? 
_citation.pdbx_database_id_DOI      10.1016/j.bbrc.2020.09.094 
_citation.pdbx_database_id_PubMed   33010889 
_citation.unpublished_flag          ? 
# 
loop_
_citation_author.citation_id 
_citation_author.name 
_citation_author.ordinal 
_citation_author.identifier_ORCID 
primary 'Heo, Y.'    1 ? 
primary 'Park, J.H.' 2 ? 
primary 'Kim, J.'    3 ? 
primary 'Han, J.'    4 ? 
primary 'Yun, J.H.'  5 ? 
primary 'Lee, W.'    6 ? 
# 
_cell.angle_alpha                  90.000 
_cell.angle_alpha_esd              ? 
_cell.angle_beta                   90.000 
_cell.angle_beta_esd               ? 
_cell.angle_gamma                  120.000 
_cell.angle_gamma_esd              ? 
_cell.entry_id                     7CYU 
_cell.details                      ? 
_cell.formula_units_Z              ? 
_cell.length_a                     58.873 
_cell.length_a_esd                 ? 
_cell.length_b                     58.873 
_cell.length_b_esd                 ? 
_cell.length_c                     50.263 
_cell.length_c_esd                 ? 
_cell.volume                       150872.946 
_cell.volume_esd                   ? 
_cell.Z_PDB                        6 
_cell.reciprocal_angle_alpha       ? 
_cell.reciprocal_angle_beta        ? 
_cell.reciprocal_angle_gamma       ? 
_cell.reciprocal_angle_alpha_esd   ? 
_cell.reciprocal_angle_beta_esd    ? 
_cell.reciprocal_angle_gamma_esd   ? 
_cell.reciprocal_length_a          ? 
_cell.reciprocal_length_b          ? 
_cell.reciprocal_length_c          ? 
_cell.reciprocal_length_a_esd      ? 
_cell.reciprocal_length_b_esd      ? 
_cell.reciprocal_length_c_esd      ? 
_cell.pdbx_unique_axis             ? 
# 
_symmetry.entry_id                         7CYU 
_symmetry.cell_setting                     ? 
_symmetry.Int_Tables_number                154 
_symmetry.space_group_name_Hall            
;P 32 2"
;
_symmetry.space_group_name_H-M             'P 32 2 1' 
_symmetry.pdbx_full_space_group_name_H-M   ? 
# 
loop_
_entity.id 
_entity.type 
_entity.src_method 
_entity.pdbx_description 
_entity.formula_weight 
_entity.pdbx_number_of_molecules 
_entity.pdbx_ec 
_entity.pdbx_mutation 
_entity.pdbx_fragment 
_entity.details 
1 polymer     man 'SWI/SNF-related matrix-associated actin-dependent regulator of chromatin subfamily E member 1' 8555.662 1  ? ? 
? ? 
2 non-polymer syn 'SULFATE ION'                                                                                   96.063   2  ? ? 
? ? 
3 water       nat water                                                                                           18.015   16 ? ? 
? ? 
# 
_entity_name_com.entity_id   1 
_entity_name_com.name        'BRG1-associated factor 57,BAF57' 
# 
_entity_poly.entity_id                      1 
_entity_poly.type                           'polypeptide(L)' 
_entity_poly.nstd_linkage                   no 
_entity_poly.nstd_monomer                   no 
_entity_poly.pdbx_seq_one_letter_code       GSPDKPLMPYMRYSRKVWDQVKASNPDLKLWEIGKIIGGMWRDLTDEEKQEYLNEYEAEKIEYNESMKAYH 
_entity_poly.pdbx_seq_one_letter_code_can   GSPDKPLMPYMRYSRKVWDQVKASNPDLKLWEIGKIIGGMWRDLTDEEKQEYLNEYEAEKIEYNESMKAYH 
_entity_poly.pdbx_strand_id                 A 
_entity_poly.pdbx_target_identifier         ? 
# 
loop_
_entity_poly_seq.entity_id 
_entity_poly_seq.num 
_entity_poly_seq.mon_id 
_entity_poly_seq.hetero 
1 1  GLY n 
1 2  SER n 
1 3  PRO n 
1 4  ASP n 
1 5  LYS n 
1 6  PRO n 
1 7  LEU n 
1 8  MET n 
1 9  PRO n 
1 10 TYR n 
1 11 MET n 
1 12 ARG n 
1 13 TYR n 
1 14 SER n 
1 15 ARG n 
1 16 LYS n 
1 17 VAL n 
1 18 TRP n 
1 19 ASP n 
1 20 GLN n 
1 21 VAL n 
1 22 LYS n 
1 23 ALA n 
1 24 SER n 
1 25 ASN n 
1 26 PRO n 
1 27 ASP n 
1 28 LEU n 
1 29 LYS n 
1 30 LEU n 
1 31 TRP n 
1 32 GLU n 
1 33 ILE n 
1 34 GLY n 
1 35 LYS n 
1 36 ILE n 
1 37 ILE n 
1 38 GLY n 
1 39 GLY n 
1 40 MET n 
1 41 TRP n 
1 42 ARG n 
1 43 ASP n 
1 44 LEU n 
1 45 THR n 
1 46 ASP n 
1 47 GLU n 
1 48 GLU n 
1 49 LYS n 
1 50 GLN n 
1 51 GLU n 
1 52 TYR n 
1 53 LEU n 
1 54 ASN n 
1 55 GLU n 
1 56 TYR n 
1 57 GLU n 
1 58 ALA n 
1 59 GLU n 
1 60 LYS n 
1 61 ILE n 
1 62 GLU n 
1 63 TYR n 
1 64 ASN n 
1 65 GLU n 
1 66 SER n 
1 67 MET n 
1 68 LYS n 
1 69 ALA n 
1 70 TYR n 
1 71 HIS n 
# 
_entity_src_gen.entity_id                          1 
_entity_src_gen.pdbx_src_id                        1 
_entity_src_gen.pdbx_alt_source_flag               sample 
_entity_src_gen.pdbx_seq_type                      'Biological sequence' 
_entity_src_gen.pdbx_beg_seq_num                   1 
_entity_src_gen.pdbx_end_seq_num                   71 
_entity_src_gen.gene_src_common_name               Human 
_entity_src_gen.gene_src_genus                     ? 
_entity_src_gen.pdbx_gene_src_gene                 'SMARCE1, BAF57' 
_entity_src_gen.gene_src_species                   ? 
_entity_src_gen.gene_src_strain                    ? 
_entity_src_gen.gene_src_tissue                    ? 
_entity_src_gen.gene_src_tissue_fraction           ? 
_entity_src_gen.gene_src_details                   ? 
_entity_src_gen.pdbx_gene_src_fragment             ? 
_entity_src_gen.pdbx_gene_src_scientific_name      'Homo sapiens' 
_entity_src_gen.pdbx_gene_src_ncbi_taxonomy_id     9606 
_entity_src_gen.pdbx_gene_src_variant              ? 
_entity_src_gen.pdbx_gene_src_cell_line            ? 
_entity_src_gen.pdbx_gene_src_atcc                 ? 
_entity_src_gen.pdbx_gene_src_organ                ? 
_entity_src_gen.pdbx_gene_src_organelle            ? 
_entity_src_gen.pdbx_gene_src_cell                 ? 
_entity_src_gen.pdbx_gene_src_cellular_location    ? 
_entity_src_gen.host_org_common_name               ? 
_entity_src_gen.pdbx_host_org_scientific_name      'Escherichia coli' 
_entity_src_gen.pdbx_host_org_ncbi_taxonomy_id     562 
_entity_src_gen.host_org_genus                     ? 
_entity_src_gen.pdbx_host_org_gene                 ? 
_entity_src_gen.pdbx_host_org_organ                ? 
_entity_src_gen.host_org_species                   ? 
_entity_src_gen.pdbx_host_org_tissue               ? 
_entity_src_gen.pdbx_host_org_tissue_fraction      ? 
_entity_src_gen.pdbx_host_org_strain               ? 
_entity_src_gen.pdbx_host_org_variant              ? 
_entity_src_gen.pdbx_host_org_cell_line            ? 
_entity_src_gen.pdbx_host_org_atcc                 ? 
_entity_src_gen.pdbx_host_org_culture_collection   ? 
_entity_src_gen.pdbx_host_org_cell                 ? 
_entity_src_gen.pdbx_host_org_organelle            ? 
_entity_src_gen.pdbx_host_org_cellular_location    ? 
_entity_src_gen.pdbx_host_org_vector_type          ? 
_entity_src_gen.pdbx_host_org_vector               ? 
_entity_src_gen.host_org_details                   ? 
_entity_src_gen.expression_system_id               ? 
_entity_src_gen.plasmid_name                       ? 
_entity_src_gen.plasmid_details                    ? 
_entity_src_gen.pdbx_description                   ? 
# 
_struct_ref.id                         1 
_struct_ref.db_name                    UNP 
_struct_ref.db_code                    SMCE1_HUMAN 
_struct_ref.pdbx_db_accession          Q969G3 
_struct_ref.pdbx_db_isoform            Q969G3-4 
_struct_ref.entity_id                  1 
_struct_ref.pdbx_seq_one_letter_code   PDKPLMPYMRYSRKVWDQVKASNPDLKLWEIGKIIGGMWRDLTDEEKQEYLNEYEAEKIEYNESMKAYH 
_struct_ref.pdbx_align_begin           31 
# 
_struct_ref_seq.align_id                      1 
_struct_ref_seq.ref_id                        1 
_struct_ref_seq.pdbx_PDB_id_code              7CYU 
_struct_ref_seq.pdbx_strand_id                A 
_struct_ref_seq.seq_align_beg                 3 
_struct_ref_seq.pdbx_seq_align_beg_ins_code   ? 
_struct_ref_seq.seq_align_end                 71 
_struct_ref_seq.pdbx_seq_align_end_ins_code   ? 
_struct_ref_seq.pdbx_db_accession             Q969G3 
_struct_ref_seq.db_align_beg                  31 
_struct_ref_seq.pdbx_db_align_beg_ins_code    ? 
_struct_ref_seq.db_align_end                  99 
_struct_ref_seq.pdbx_db_align_end_ins_code    ? 
_struct_ref_seq.pdbx_auth_seq_align_beg       66 
_struct_ref_seq.pdbx_auth_seq_align_end       134 
# 
loop_
_struct_ref_seq_dif.align_id 
_struct_ref_seq_dif.pdbx_pdb_id_code 
_struct_ref_seq_dif.mon_id 
_struct_ref_seq_dif.pdbx_pdb_strand_id 
_struct_ref_seq_dif.seq_num 
_struct_ref_seq_dif.pdbx_pdb_ins_code 
_struct_ref_seq_dif.pdbx_seq_db_name 
_struct_ref_seq_dif.pdbx_seq_db_accession_code 
_struct_ref_seq_dif.db_mon_id 
_struct_ref_seq_dif.pdbx_seq_db_seq_num 
_struct_ref_seq_dif.details 
_struct_ref_seq_dif.pdbx_auth_seq_num 
_struct_ref_seq_dif.pdbx_ordinal 
1 7CYU GLY A 1 ? UNP Q969G3 ? ? 'expression tag' 64 1 
1 7CYU SER A 2 ? UNP Q969G3 ? ? 'expression tag' 65 2 
# 
loop_
_chem_comp.id 
_chem_comp.type 
_chem_comp.mon_nstd_flag 
_chem_comp.name 
_chem_comp.pdbx_synonyms 
_chem_comp.formula 
_chem_comp.formula_weight 
ALA 'L-peptide linking' y ALANINE         ? 'C3 H7 N O2'     89.093  
ARG 'L-peptide linking' y ARGININE        ? 'C6 H15 N4 O2 1' 175.209 
ASN 'L-peptide linking' y ASPARAGINE      ? 'C4 H8 N2 O3'    132.118 
ASP 'L-peptide linking' y 'ASPARTIC ACID' ? 'C4 H7 N O4'     133.103 
GLN 'L-peptide linking' y GLUTAMINE       ? 'C5 H10 N2 O3'   146.144 
GLU 'L-peptide linking' y 'GLUTAMIC ACID' ? 'C5 H9 N O4'     147.129 
GLY 'peptide linking'   y GLYCINE         ? 'C2 H5 N O2'     75.067  
HIS 'L-peptide linking' y HISTIDINE       ? 'C6 H10 N3 O2 1' 156.162 
HOH non-polymer         . WATER           ? 'H2 O'           18.015  
ILE 'L-peptide linking' y ISOLEUCINE      ? 'C6 H13 N O2'    131.173 
LEU 'L-peptide linking' y LEUCINE         ? 'C6 H13 N O2'    131.173 
LYS 'L-peptide linking' y LYSINE          ? 'C6 H15 N2 O2 1' 147.195 
MET 'L-peptide linking' y METHIONINE      ? 'C5 H11 N O2 S'  149.211 
PRO 'L-peptide linking' y PROLINE         ? 'C5 H9 N O2'     115.130 
SER 'L-peptide linking' y SERINE          ? 'C3 H7 N O3'     105.093 
SO4 non-polymer         . 'SULFATE ION'   ? 'O4 S -2'        96.063  
THR 'L-peptide linking' y THREONINE       ? 'C4 H9 N O3'     119.119 
TRP 'L-peptide linking' y TRYPTOPHAN      ? 'C11 H12 N2 O2'  204.225 
TYR 'L-peptide linking' y TYROSINE        ? 'C9 H11 N O3'    181.189 
VAL 'L-peptide linking' y VALINE          ? 'C5 H11 N O2'    117.146 
# 
_exptl.absorpt_coefficient_mu     ? 
_exptl.absorpt_correction_T_max   ? 
_exptl.absorpt_correction_T_min   ? 
_exptl.absorpt_correction_type    ? 
_exptl.absorpt_process_details    ? 
_exptl.entry_id                   7CYU 
_exptl.crystals_number            1 
_exptl.details                    ? 
_exptl.method                     'X-RAY DIFFRACTION' 
_exptl.method_details             ? 
# 
_exptl_crystal.colour                      ? 
_exptl_crystal.density_diffrn              ? 
_exptl_crystal.density_Matthews            2.94 
_exptl_crystal.density_method              ? 
_exptl_crystal.density_percent_sol         58.15 
_exptl_crystal.description                 ? 
_exptl_crystal.F_000                       ? 
_exptl_crystal.id                          1 
_exptl_crystal.preparation                 ? 
_exptl_crystal.size_max                    ? 
_exptl_crystal.size_mid                    ? 
_exptl_crystal.size_min                    ? 
_exptl_crystal.size_rad                    ? 
_exptl_crystal.colour_lustre               ? 
_exptl_crystal.colour_modifier             ? 
_exptl_crystal.colour_primary              ? 
_exptl_crystal.density_meas                ? 
_exptl_crystal.density_meas_esd            ? 
_exptl_crystal.density_meas_gt             ? 
_exptl_crystal.density_meas_lt             ? 
_exptl_crystal.density_meas_temp           ? 
_exptl_crystal.density_meas_temp_esd       ? 
_exptl_crystal.density_meas_temp_gt        ? 
_exptl_crystal.density_meas_temp_lt        ? 
_exptl_crystal.pdbx_crystal_image_url      ? 
_exptl_crystal.pdbx_crystal_image_format   ? 
_exptl_crystal.pdbx_mosaicity              ? 
_exptl_crystal.pdbx_mosaicity_esd          ? 
# 
_exptl_crystal_grow.apparatus       ? 
_exptl_crystal_grow.atmosphere      ? 
_exptl_crystal_grow.crystal_id      1 
_exptl_crystal_grow.details         ? 
_exptl_crystal_grow.method          'VAPOR DIFFUSION, SITTING DROP' 
_exptl_crystal_grow.method_ref      ? 
_exptl_crystal_grow.pH              4.5 
_exptl_crystal_grow.pressure        ? 
_exptl_crystal_grow.pressure_esd    ? 
_exptl_crystal_grow.seeding         ? 
_exptl_crystal_grow.seeding_ref     ? 
_exptl_crystal_grow.temp            290 
_exptl_crystal_grow.temp_details    ? 
_exptl_crystal_grow.temp_esd        ? 
_exptl_crystal_grow.time            ? 
_exptl_crystal_grow.pdbx_details    '2.0M Ammonium sulfate, 0.1M Sodium acetate' 
_exptl_crystal_grow.pdbx_pH_range   ? 
# 
_diffrn.ambient_environment              ? 
_diffrn.ambient_temp                     93 
_diffrn.ambient_temp_details             ? 
_diffrn.ambient_temp_esd                 ? 
_diffrn.crystal_id                       1 
_diffrn.crystal_support                  ? 
_diffrn.crystal_treatment                ? 
_diffrn.details                          ? 
_diffrn.id                               1 
_diffrn.ambient_pressure                 ? 
_diffrn.ambient_pressure_esd             ? 
_diffrn.ambient_pressure_gt              ? 
_diffrn.ambient_pressure_lt              ? 
_diffrn.ambient_temp_gt                  ? 
_diffrn.ambient_temp_lt                  ? 
_diffrn.pdbx_serial_crystal_experiment   N 
# 
_diffrn_detector.details                      ? 
_diffrn_detector.detector                     CCD 
_diffrn_detector.diffrn_id                    1 
_diffrn_detector.type                         'ADSC QUANTUM 315' 
_diffrn_detector.area_resol_mean              ? 
_diffrn_detector.dtime                        ? 
_diffrn_detector.pdbx_frames_total            ? 
_diffrn_detector.pdbx_collection_time_total   ? 
_diffrn_detector.pdbx_collection_date         2019-03-25 
_diffrn_detector.pdbx_frequency               ? 
# 
_diffrn_radiation.collimation                      ? 
_diffrn_radiation.diffrn_id                        1 
_diffrn_radiation.filter_edge                      ? 
_diffrn_radiation.inhomogeneity                    ? 
_diffrn_radiation.monochromator                    ? 
_diffrn_radiation.polarisn_norm                    ? 
_diffrn_radiation.polarisn_ratio                   ? 
_diffrn_radiation.probe                            ? 
_diffrn_radiation.type                             ? 
_diffrn_radiation.xray_symbol                      ? 
_diffrn_radiation.wavelength_id                    1 
_diffrn_radiation.pdbx_monochromatic_or_laue_m_l   M 
_diffrn_radiation.pdbx_wavelength_list             ? 
_diffrn_radiation.pdbx_wavelength                  ? 
_diffrn_radiation.pdbx_diffrn_protocol             'SINGLE WAVELENGTH' 
_diffrn_radiation.pdbx_analyzer                    ? 
_diffrn_radiation.pdbx_scattering_type             x-ray 
# 
_diffrn_radiation_wavelength.id           1 
_diffrn_radiation_wavelength.wavelength   1.0 
_diffrn_radiation_wavelength.wt           1.0 
# 
_diffrn_source.current                     ? 
_diffrn_source.details                     ? 
_diffrn_source.diffrn_id                   1 
_diffrn_source.power                       ? 
_diffrn_source.size                        ? 
_diffrn_source.source                      SYNCHROTRON 
_diffrn_source.target                      ? 
_diffrn_source.type                        'PAL/PLS BEAMLINE 5C (4A)' 
_diffrn_source.voltage                     ? 
_diffrn_source.take-off_angle              ? 
_diffrn_source.pdbx_wavelength_list        1.0 
_diffrn_source.pdbx_wavelength             ? 
_diffrn_source.pdbx_synchrotron_beamline   '5C (4A)' 
_diffrn_source.pdbx_synchrotron_site       PAL/PLS 
# 
_reflns.B_iso_Wilson_estimate            55.97 
_reflns.entry_id                         7CYU 
_reflns.data_reduction_details           ? 
_reflns.data_reduction_method            ? 
_reflns.d_resolution_high                2.55 
_reflns.d_resolution_low                 50 
_reflns.details                          ? 
_reflns.limit_h_max                      ? 
_reflns.limit_h_min                      ? 
_reflns.limit_k_max                      ? 
_reflns.limit_k_min                      ? 
_reflns.limit_l_max                      ? 
_reflns.limit_l_min                      ? 
_reflns.number_all                       ? 
_reflns.number_obs                       3481 
_reflns.observed_criterion               ? 
_reflns.observed_criterion_F_max         ? 
_reflns.observed_criterion_F_min         ? 
_reflns.observed_criterion_I_max         ? 
_reflns.observed_criterion_I_min         ? 
_reflns.observed_criterion_sigma_F       ? 
_reflns.observed_criterion_sigma_I       ? 
_reflns.percent_possible_obs             98.9 
_reflns.R_free_details                   ? 
_reflns.Rmerge_F_all                     ? 
_reflns.Rmerge_F_obs                     ? 
_reflns.Friedel_coverage                 ? 
_reflns.number_gt                        ? 
_reflns.threshold_expression             ? 
_reflns.pdbx_redundancy                  7.0 
_reflns.pdbx_Rmerge_I_obs                ? 
_reflns.pdbx_Rmerge_I_all                ? 
_reflns.pdbx_Rsym_value                  ? 
_reflns.pdbx_netI_over_av_sigmaI         ? 
_reflns.pdbx_netI_over_sigmaI            21.62 
_reflns.pdbx_res_netI_over_av_sigmaI_2   ? 
_reflns.pdbx_res_netI_over_sigmaI_2      ? 
_reflns.pdbx_chi_squared                 ? 
_reflns.pdbx_scaling_rejects             ? 
_reflns.pdbx_d_res_high_opt              ? 
_reflns.pdbx_d_res_low_opt               ? 
_reflns.pdbx_d_res_opt_method            ? 
_reflns.phase_calculation_details        ? 
_reflns.pdbx_Rrim_I_all                  ? 
_reflns.pdbx_Rpim_I_all                  ? 
_reflns.pdbx_d_opt                       ? 
_reflns.pdbx_number_measured_all         ? 
_reflns.pdbx_diffrn_id                   1 
_reflns.pdbx_ordinal                     1 
_reflns.pdbx_CC_half                     0.998 
_reflns.pdbx_CC_star                     ? 
_reflns.pdbx_R_split                     ? 
# 
_reflns_shell.d_res_high                  2.55 
_reflns_shell.d_res_low                   2.59 
_reflns_shell.meanI_over_sigI_all         ? 
_reflns_shell.meanI_over_sigI_obs         1.88 
_reflns_shell.number_measured_all         ? 
_reflns_shell.number_measured_obs         ? 
_reflns_shell.number_possible             ? 
_reflns_shell.number_unique_all           ? 
_reflns_shell.number_unique_obs           312 
_reflns_shell.percent_possible_all        95.2 
_reflns_shell.percent_possible_obs        ? 
_reflns_shell.Rmerge_F_all                ? 
_reflns_shell.Rmerge_F_obs                ? 
_reflns_shell.Rmerge_I_all                ? 
_reflns_shell.Rmerge_I_obs                ? 
_reflns_shell.meanI_over_sigI_gt          ? 
_reflns_shell.meanI_over_uI_all           ? 
_reflns_shell.meanI_over_uI_gt            ? 
_reflns_shell.number_measured_gt          ? 
_reflns_shell.number_unique_gt            ? 
_reflns_shell.percent_possible_gt         ? 
_reflns_shell.Rmerge_F_gt                 ? 
_reflns_shell.Rmerge_I_gt                 ? 
_reflns_shell.pdbx_redundancy             ? 
_reflns_shell.pdbx_Rsym_value             ? 
_reflns_shell.pdbx_chi_squared            ? 
_reflns_shell.pdbx_netI_over_sigmaI_all   ? 
_reflns_shell.pdbx_netI_over_sigmaI_obs   ? 
_reflns_shell.pdbx_Rrim_I_all             ? 
_reflns_shell.pdbx_Rpim_I_all             ? 
_reflns_shell.pdbx_rejects                ? 
_reflns_shell.pdbx_ordinal                1 
_reflns_shell.pdbx_diffrn_id              1 
_reflns_shell.pdbx_CC_half                0.844 
_reflns_shell.pdbx_CC_star                ? 
_reflns_shell.pdbx_R_split                ? 
# 
_refine.aniso_B[1][1]                            ? 
_refine.aniso_B[1][2]                            ? 
_refine.aniso_B[1][3]                            ? 
_refine.aniso_B[2][2]                            ? 
_refine.aniso_B[2][3]                            ? 
_refine.aniso_B[3][3]                            ? 
_refine.B_iso_max                                ? 
_refine.B_iso_mean                               58.54 
_refine.B_iso_min                                ? 
_refine.correlation_coeff_Fo_to_Fc               ? 
_refine.correlation_coeff_Fo_to_Fc_free          ? 
_refine.details                                  ? 
_refine.diff_density_max                         ? 
_refine.diff_density_max_esd                     ? 
_refine.diff_density_min                         ? 
_refine.diff_density_min_esd                     ? 
_refine.diff_density_rms                         ? 
_refine.diff_density_rms_esd                     ? 
_refine.entry_id                                 7CYU 
_refine.pdbx_refine_id                           'X-RAY DIFFRACTION' 
_refine.ls_abs_structure_details                 ? 
_refine.ls_abs_structure_Flack                   ? 
_refine.ls_abs_structure_Flack_esd               ? 
_refine.ls_abs_structure_Rogers                  ? 
_refine.ls_abs_structure_Rogers_esd              ? 
_refine.ls_d_res_high                            2.55 
_refine.ls_d_res_low                             35.79 
_refine.ls_extinction_coef                       ? 
_refine.ls_extinction_coef_esd                   ? 
_refine.ls_extinction_expression                 ? 
_refine.ls_extinction_method                     ? 
_refine.ls_goodness_of_fit_all                   ? 
_refine.ls_goodness_of_fit_all_esd               ? 
_refine.ls_goodness_of_fit_obs                   ? 
_refine.ls_goodness_of_fit_obs_esd               ? 
_refine.ls_hydrogen_treatment                    ? 
_refine.ls_matrix_type                           ? 
_refine.ls_number_constraints                    ? 
_refine.ls_number_parameters                     ? 
_refine.ls_number_reflns_all                     ? 
_refine.ls_number_reflns_obs                     3481 
_refine.ls_number_reflns_R_free                  352 
_refine.ls_number_reflns_R_work                  3129 
_refine.ls_number_restraints                     ? 
_refine.ls_percent_reflns_obs                    99.57 
_refine.ls_percent_reflns_R_free                 10.11 
_refine.ls_R_factor_all                          ? 
_refine.ls_R_factor_obs                          0.2377 
_refine.ls_R_factor_R_free                       0.2748 
_refine.ls_R_factor_R_free_error                 ? 
_refine.ls_R_factor_R_free_error_details         ? 
_refine.ls_R_factor_R_work                       0.2334 
_refine.ls_R_Fsqd_factor_obs                     ? 
_refine.ls_R_I_factor_obs                        ? 
_refine.ls_redundancy_reflns_all                 ? 
_refine.ls_redundancy_reflns_obs                 ? 
_refine.ls_restrained_S_all                      ? 
_refine.ls_restrained_S_obs                      ? 
_refine.ls_shift_over_esd_max                    ? 
_refine.ls_shift_over_esd_mean                   ? 
_refine.ls_structure_factor_coef                 ? 
_refine.ls_weighting_details                     ? 
_refine.ls_weighting_scheme                      ? 
_refine.ls_wR_factor_all                         ? 
_refine.ls_wR_factor_obs                         ? 
_refine.ls_wR_factor_R_free                      ? 
_refine.ls_wR_factor_R_work                      ? 
_refine.occupancy_max                            ? 
_refine.occupancy_min                            ? 
_refine.solvent_model_details                    'FLAT BULK SOLVENT MODEL' 
_refine.solvent_model_param_bsol                 ? 
_refine.solvent_model_param_ksol                 ? 
_refine.pdbx_R_complete                          ? 
_refine.ls_R_factor_gt                           ? 
_refine.ls_goodness_of_fit_gt                    ? 
_refine.ls_goodness_of_fit_ref                   ? 
_refine.ls_shift_over_su_max                     ? 
_refine.ls_shift_over_su_max_lt                  ? 
_refine.ls_shift_over_su_mean                    ? 
_refine.ls_shift_over_su_mean_lt                 ? 
_refine.pdbx_ls_sigma_I                          ? 
_refine.pdbx_ls_sigma_F                          0.00 
_refine.pdbx_ls_sigma_Fsqd                       ? 
_refine.pdbx_data_cutoff_high_absF               ? 
_refine.pdbx_data_cutoff_high_rms_absF           ? 
_refine.pdbx_data_cutoff_low_absF                ? 
_refine.pdbx_isotropic_thermal_model             ? 
_refine.pdbx_ls_cross_valid_method               'FREE R-VALUE' 
_refine.pdbx_method_to_determine_struct          'MOLECULAR REPLACEMENT' 
_refine.pdbx_starting_model                      3tq6 
_refine.pdbx_stereochemistry_target_values       'CDL v1.2' 
_refine.pdbx_R_Free_selection_details            ? 
_refine.pdbx_stereochem_target_val_spec_case     ? 
_refine.pdbx_overall_ESU_R                       ? 
_refine.pdbx_overall_ESU_R_Free                  ? 
_refine.pdbx_solvent_vdw_probe_radii             1.1100 
_refine.pdbx_solvent_ion_probe_radii             ? 
_refine.pdbx_solvent_shrinkage_radii             0.9000 
_refine.pdbx_real_space_R                        ? 
_refine.pdbx_density_correlation                 ? 
_refine.pdbx_pd_number_of_powder_patterns        ? 
_refine.pdbx_pd_number_of_points                 ? 
_refine.pdbx_pd_meas_number_of_points            ? 
_refine.pdbx_pd_proc_ls_prof_R_factor            ? 
_refine.pdbx_pd_proc_ls_prof_wR_factor           ? 
_refine.pdbx_pd_Marquardt_correlation_coeff      ? 
_refine.pdbx_pd_Fsqrd_R_factor                   ? 
_refine.pdbx_pd_ls_matrix_band_width             ? 
_refine.pdbx_overall_phase_error                 29.7831 
_refine.pdbx_overall_SU_R_free_Cruickshank_DPI   ? 
_refine.pdbx_overall_SU_R_free_Blow_DPI          ? 
_refine.pdbx_overall_SU_R_Blow_DPI               ? 
_refine.pdbx_TLS_residual_ADP_flag               ? 
_refine.pdbx_diffrn_id                           1 
_refine.overall_SU_B                             ? 
_refine.overall_SU_ML                            0.3541 
_refine.overall_SU_R_Cruickshank_DPI             ? 
_refine.overall_SU_R_free                        ? 
_refine.overall_FOM_free_R_set                   ? 
_refine.overall_FOM_work_R_set                   ? 
_refine.pdbx_average_fsc_overall                 ? 
_refine.pdbx_average_fsc_work                    ? 
_refine.pdbx_average_fsc_free                    ? 
# 
_refine_hist.pdbx_refine_id                   'X-RAY DIFFRACTION' 
_refine_hist.cycle_id                         LAST 
_refine_hist.details                          ? 
_refine_hist.d_res_high                       2.55 
_refine_hist.d_res_low                        35.79 
_refine_hist.number_atoms_solvent             16 
_refine_hist.number_atoms_total               557 
_refine_hist.number_reflns_all                ? 
_refine_hist.number_reflns_obs                ? 
_refine_hist.number_reflns_R_free             ? 
_refine_hist.number_reflns_R_work             ? 
_refine_hist.R_factor_all                     ? 
_refine_hist.R_factor_obs                     ? 
_refine_hist.R_factor_R_free                  ? 
_refine_hist.R_factor_R_work                  ? 
_refine_hist.pdbx_number_residues_total       ? 
_refine_hist.pdbx_B_iso_mean_ligand           ? 
_refine_hist.pdbx_B_iso_mean_solvent          ? 
_refine_hist.pdbx_number_atoms_protein        531 
_refine_hist.pdbx_number_atoms_nucleic_acid   0 
_refine_hist.pdbx_number_atoms_ligand         10 
_refine_hist.pdbx_number_atoms_lipid          ? 
_refine_hist.pdbx_number_atoms_carb           ? 
_refine_hist.pdbx_pseudo_atom_details         ? 
# 
loop_
_refine_ls_restr.pdbx_refine_id 
_refine_ls_restr.criterion 
_refine_ls_restr.dev_ideal 
_refine_ls_restr.dev_ideal_target 
_refine_ls_restr.number 
_refine_ls_restr.rejects 
_refine_ls_restr.type 
_refine_ls_restr.weight 
_refine_ls_restr.pdbx_restraint_function 
'X-RAY DIFFRACTION' ? 0.0026  ? 552 ? f_bond_d           ? ? 
'X-RAY DIFFRACTION' ? 0.4713  ? 744 ? f_angle_d          ? ? 
'X-RAY DIFFRACTION' ? 0.0331  ? 71  ? f_chiral_restr     ? ? 
'X-RAY DIFFRACTION' ? 0.0041  ? 93  ? f_plane_restr      ? ? 
'X-RAY DIFFRACTION' ? 10.1234 ? 332 ? f_dihedral_angle_d ? ? 
# 
loop_
_refine_ls_shell.pdbx_refine_id 
_refine_ls_shell.d_res_high 
_refine_ls_shell.d_res_low 
_refine_ls_shell.number_reflns_all 
_refine_ls_shell.number_reflns_obs 
_refine_ls_shell.number_reflns_R_free 
_refine_ls_shell.number_reflns_R_work 
_refine_ls_shell.percent_reflns_obs 
_refine_ls_shell.percent_reflns_R_free 
_refine_ls_shell.R_factor_all 
_refine_ls_shell.R_factor_obs 
_refine_ls_shell.R_factor_R_free 
_refine_ls_shell.R_factor_R_free_error 
_refine_ls_shell.R_factor_R_work 
_refine_ls_shell.redundancy_reflns_all 
_refine_ls_shell.redundancy_reflns_obs 
_refine_ls_shell.wR_factor_all 
_refine_ls_shell.wR_factor_obs 
_refine_ls_shell.wR_factor_R_free 
_refine_ls_shell.wR_factor_R_work 
_refine_ls_shell.pdbx_R_complete 
_refine_ls_shell.pdbx_total_number_of_bins_used 
_refine_ls_shell.pdbx_phase_error 
_refine_ls_shell.pdbx_fsc_work 
_refine_ls_shell.pdbx_fsc_free 
'X-RAY DIFFRACTION' 2.55 2.92  . . 112 1009 98.68  . . . 0.3176 . 0.2682 . . . . . . . . . . . 
'X-RAY DIFFRACTION' 2.92 3.67  . . 117 1042 100.00 . . . 0.3006 . 0.2623 . . . . . . . . . . . 
'X-RAY DIFFRACTION' 3.67 35.79 . . 123 1078 100.00 . . . 0.2556 . 0.2135 . . . . . . . . . . . 
# 
_struct.entry_id                     7CYU 
_struct.title                        'Crystal structure of human BAF57 HMG domain' 
_struct.pdbx_model_details           ? 
_struct.pdbx_formula_weight          ? 
_struct.pdbx_formula_weight_method   ? 
_struct.pdbx_model_type_details      ? 
_struct.pdbx_CASP_flag               N 
# 
_struct_keywords.entry_id        7CYU 
_struct_keywords.text            'Chromatin remodeling, SWI/SNF, DNA BINDING PROTEIN' 
_struct_keywords.pdbx_keywords   'DNA BINDING PROTEIN' 
# 
loop_
_struct_asym.id 
_struct_asym.pdbx_blank_PDB_chainid_flag 
_struct_asym.pdbx_modified 
_struct_asym.entity_id 
_struct_asym.details 
A N N 1 ? 
B N N 2 ? 
C N N 2 ? 
D N N 3 ? 
# 
loop_
_struct_conf.conf_type_id 
_struct_conf.id 
_struct_conf.pdbx_PDB_helix_id 
_struct_conf.beg_label_comp_id 
_struct_conf.beg_label_asym_id 
_struct_conf.beg_label_seq_id 
_struct_conf.pdbx_beg_PDB_ins_code 
_struct_conf.end_label_comp_id 
_struct_conf.end_label_asym_id 
_struct_conf.end_label_seq_id 
_struct_conf.pdbx_end_PDB_ins_code 
_struct_conf.beg_auth_comp_id 
_struct_conf.beg_auth_asym_id 
_struct_conf.beg_auth_seq_id 
_struct_conf.end_auth_comp_id 
_struct_conf.end_auth_asym_id 
_struct_conf.end_auth_seq_id 
_struct_conf.pdbx_PDB_helix_class 
_struct_conf.details 
_struct_conf.pdbx_PDB_helix_length 
HELX_P HELX_P1 AA1 MET A 8  ? ASN A 25 ? MET A 71  ASN A 88  1 ? 18 
HELX_P HELX_P2 AA2 LYS A 29 ? ASP A 43 ? LYS A 92  ASP A 106 1 ? 15 
HELX_P HELX_P3 AA3 THR A 45 ? GLU A 65 ? THR A 108 GLU A 128 1 ? 21 
# 
_struct_conf_type.id          HELX_P 
_struct_conf_type.criteria    ? 
_struct_conf_type.reference   ? 
# 
loop_
_struct_site.id 
_struct_site.pdbx_evidence_code 
_struct_site.pdbx_auth_asym_id 
_struct_site.pdbx_auth_comp_id 
_struct_site.pdbx_auth_seq_id 
_struct_site.pdbx_auth_ins_code 
_struct_site.pdbx_num_residues 
_struct_site.details 
AC1 Software A SO4 201 ? 2 'binding site for residue SO4 A 201' 
AC2 Software A SO4 202 ? 5 'binding site for residue SO4 A 202' 
# 
loop_
_struct_site_gen.id 
_struct_site_gen.site_id 
_struct_site_gen.pdbx_num_res 
_struct_site_gen.label_comp_id 
_struct_site_gen.label_asym_id 
_struct_site_gen.label_seq_id 
_struct_site_gen.pdbx_auth_ins_code 
_struct_site_gen.auth_comp_id 
_struct_site_gen.auth_asym_id 
_struct_site_gen.auth_seq_id 
_struct_site_gen.label_atom_id 
_struct_site_gen.label_alt_id 
_struct_site_gen.symmetry 
_struct_site_gen.details 
1 AC1 2 TRP A 31 ? TRP A 94  . ? 6_765 ? 
2 AC1 2 ARG A 42 ? ARG A 105 . ? 1_555 ? 
3 AC2 5 LYS A 29 ? LYS A 92  . ? 1_555 ? 
4 AC2 5 LEU A 30 ? LEU A 93  . ? 1_555 ? 
5 AC2 5 TRP A 31 ? TRP A 94  . ? 1_555 ? 
6 AC2 5 TRP A 41 ? TRP A 104 . ? 6_765 ? 
7 AC2 5 LYS A 49 ? LYS A 112 . ? 6_765 ? 
# 
_atom_sites.entry_id                    7CYU 
_atom_sites.Cartn_transf_matrix[1][1]   ? 
_atom_sites.Cartn_transf_matrix[1][2]   ? 
_atom_sites.Cartn_transf_matrix[1][3]   ? 
_atom_sites.Cartn_transf_matrix[2][1]   ? 
_atom_sites.Cartn_transf_matrix[2][2]   ? 
_atom_sites.Cartn_transf_matrix[2][3]   ? 
_atom_sites.Cartn_transf_matrix[3][1]   ? 
_atom_sites.Cartn_transf_matrix[3][2]   ? 
_atom_sites.Cartn_transf_matrix[3][3]   ? 
_atom_sites.Cartn_transf_vector[1]      ? 
_atom_sites.Cartn_transf_vector[2]      ? 
_atom_sites.Cartn_transf_vector[3]      ? 
_atom_sites.fract_transf_matrix[1][1]   0.00502636 
_atom_sites.fract_transf_matrix[1][2]   -0.00666889 
_atom_sites.fract_transf_matrix[1][3]   -0.01774720 
_atom_sites.fract_transf_matrix[2][1]   -0.01204789 
_atom_sites.fract_transf_matrix[2][2]   0.00265325 
_atom_sites.fract_transf_matrix[2][3]   -0.01524724 
_atom_sites.fract_transf_matrix[3][1]   0.00888431 
_atom_sites.fract_transf_matrix[3][2]   0.01734550 
_atom_sites.fract_transf_matrix[3][3]   -0.00400173 
_atom_sites.fract_transf_vector[1]      0.867120 
_atom_sites.fract_transf_vector[2]      0.451431 
_atom_sites.fract_transf_vector[3]      0.356654 
_atom_sites.solution_primary            ? 
_atom_sites.solution_secondary          ? 
_atom_sites.solution_hydrogens          ? 
_atom_sites.special_details             ? 
# 
loop_
_atom_type.symbol 
_atom_type.scat_dispersion_real 
_atom_type.scat_dispersion_imag 
_atom_type.scat_Cromer_Mann_a1 
_atom_type.scat_Cromer_Mann_a2 
_atom_type.scat_Cromer_Mann_a3 
_atom_type.scat_Cromer_Mann_a4 
_atom_type.scat_Cromer_Mann_b1 
_atom_type.scat_Cromer_Mann_b2 
_atom_type.scat_Cromer_Mann_b3 
_atom_type.scat_Cromer_Mann_b4 
_atom_type.scat_Cromer_Mann_c 
_atom_type.scat_source 
_atom_type.scat_dispersion_source 
C   ? ? 3.54356 2.42580 ? ? 25.62398 1.50364  ? ? 0.0 
;2-Gaussian fit: Grosse-Kunstleve RW, Sauter NK, Adams PD: Newsletter of the IUCr Commission on Crystallographic Computing 2004, 3, 22-31.
;
? 
N   ? ? 4.01032 2.96436 ? ? 19.97189 1.75589  ? ? 0.0 
;2-Gaussian fit: Grosse-Kunstleve RW, Sauter NK, Adams PD: Newsletter of the IUCr Commission on Crystallographic Computing 2004, 3, 22-31.
;
? 
O   ? ? 4.49882 3.47563 ? ? 15.80542 1.70748  ? ? 0.0 
;2-Gaussian fit: Grosse-Kunstleve RW, Sauter NK, Adams PD: Newsletter of the IUCr Commission on Crystallographic Computing 2004, 3, 22-31.
;
? 
O1- ? ? 5.12366 3.84317 ? ? 3.49406  27.47979 ? ? 0.0 
;2-Gaussian fit: Grosse-Kunstleve RW, Sauter NK, Adams PD: Newsletter of the IUCr Commission on Crystallographic Computing 2004, 3, 22-31.
;
? 
S   ? ? 9.55732 6.39887 ? ? 1.23737  29.19336 ? ? 0.0 
;2-Gaussian fit: Grosse-Kunstleve RW, Sauter NK, Adams PD: Newsletter of the IUCr Commission on Crystallographic Computing 2004, 3, 22-31.
;
? 
# 
loop_
_atom_site.group_PDB 
_atom_site.id 
_atom_site.type_symbol 
_atom_site.label_atom_id 
_atom_site.label_alt_id 
_atom_site.label_comp_id 
_atom_site.label_asym_id 
_atom_site.label_entity_id 
_atom_site.label_seq_id 
_atom_site.pdbx_PDB_ins_code 
_atom_site.Cartn_x 
_atom_site.Cartn_y 
_atom_site.Cartn_z 
_atom_site.occupancy 
_atom_site.B_iso_or_equiv 
_atom_site.pdbx_formal_charge 
_atom_site.auth_seq_id 
_atom_site.auth_comp_id 
_atom_site.auth_asym_id 
_atom_site.auth_atom_id 
_atom_site.pdbx_PDB_model_num 
ATOM   1   N N   . LYS A 1 5  ? 15.29808  -4.55971  -1.61897  1.000 75.28645 ?  68  LYS A N   1 
ATOM   2   C CA  . LYS A 1 5  ? 14.99023  -3.23344  -2.14198  1.000 73.31174 ?  68  LYS A CA  1 
ATOM   3   C C   . LYS A 1 5  ? 13.64979  -2.73661  -1.59964  1.000 76.84884 ?  68  LYS A C   1 
ATOM   4   O O   . LYS A 1 5  ? 12.67859  -3.49256  -1.55152  1.000 76.76225 ?  68  LYS A O   1 
ATOM   5   C CB  . LYS A 1 5  ? 14.97803  -3.25132  -3.67277  1.000 78.32217 ?  68  LYS A CB  1 
ATOM   6   C CG  . LYS A 1 5  ? 15.03384  -1.87266  -4.30945  1.000 76.09258 ?  68  LYS A CG  1 
ATOM   7   C CD  . LYS A 1 5  ? 15.49066  -1.93317  -5.75531  1.000 75.61025 ?  68  LYS A CD  1 
ATOM   8   C CE  . LYS A 1 5  ? 15.70981  -0.53354  -6.31128  1.000 77.49413 ?  68  LYS A CE  1 
ATOM   9   N NZ  . LYS A 1 5  ? 16.14343  -0.55347  -7.73517  1.000 78.42211 ?  68  LYS A NZ  1 
ATOM   10  N N   . PRO A 1 6  ? 13.60437  -1.46899  -1.18536  1.000 75.22673 ?  69  PRO A N   1 
ATOM   11  C CA  . PRO A 1 6  ? 12.38688  -0.93890  -0.55963  1.000 71.55967 ?  69  PRO A CA  1 
ATOM   12  C C   . PRO A 1 6  ? 11.20648  -0.90983  -1.51856  1.000 69.67576 ?  69  PRO A C   1 
ATOM   13  O O   . PRO A 1 6  ? 11.35153  -0.67385  -2.71999  1.000 68.07832 ?  69  PRO A O   1 
ATOM   14  C CB  . PRO A 1 6  ? 12.79219  0.47956   -0.13984  1.000 70.28390 ?  69  PRO A CB  1 
ATOM   15  C CG  . PRO A 1 6  ? 14.28066  0.43925   -0.05031  1.000 73.64595 ?  69  PRO A CG  1 
ATOM   16  C CD  . PRO A 1 6  ? 14.71860  -0.50890  -1.12090  1.000 74.07977 ?  69  PRO A CD  1 
ATOM   17  N N   . LEU A 1 7  ? 10.02177  -1.13975  -0.96057  1.000 67.23262 ?  70  LEU A N   1 
ATOM   18  C CA  . LEU A 1 7  ? 8.78356   -1.11674  -1.72220  1.000 57.87189 ?  70  LEU A CA  1 
ATOM   19  C C   . LEU A 1 7  ? 8.17492   0.27892   -1.69491  1.000 55.18444 ?  70  LEU A C   1 
ATOM   20  O O   . LEU A 1 7  ? 8.17887   0.95136   -0.65954  1.000 54.40303 ?  70  LEU A O   1 
ATOM   21  C CB  . LEU A 1 7  ? 7.79420   -2.13433  -1.15602  1.000 61.35431 ?  70  LEU A CB  1 
ATOM   22  C CG  . LEU A 1 7  ? 6.77083   -2.72344  -2.12460  1.000 61.02296 ?  70  LEU A CG  1 
ATOM   23  C CD1 . LEU A 1 7  ? 7.46128   -3.42126  -3.28777  1.000 54.86202 ?  70  LEU A CD1 1 
ATOM   24  C CD2 . LEU A 1 7  ? 5.85436   -3.68363  -1.38266  1.000 63.23657 ?  70  LEU A CD2 1 
ATOM   25  N N   . MET A 1 8  ? 7.65689   0.70907   -2.84497  1.000 51.95928 ?  71  MET A N   1 
ATOM   26  C CA  . MET A 1 8  ? 7.04345   2.02060   -3.00800  1.000 49.12822 ?  71  MET A CA  1 
ATOM   27  C C   . MET A 1 8  ? 5.95986   2.22122   -1.95606  1.000 55.26049 ?  71  MET A C   1 
ATOM   28  O O   . MET A 1 8  ? 5.30714   1.25032   -1.55252  1.000 52.87970 ?  71  MET A O   1 
ATOM   29  C CB  . MET A 1 8  ? 6.45875   2.16091   -4.41468  1.000 54.19927 ?  71  MET A CB  1 
ATOM   30  C CG  . MET A 1 8  ? 6.71971   3.50386   -5.07440  1.000 65.68057 ?  71  MET A CG  1 
ATOM   31  S SD  . MET A 1 8  ? 8.46483   3.97339   -5.03762  1.000 72.93555 ?  71  MET A SD  1 
ATOM   32  C CE  . MET A 1 8  ? 8.38657   5.62044   -5.74162  1.000 63.63658 ?  71  MET A CE  1 
ATOM   33  N N   . PRO A 1 9  ? 5.75026   3.45190   -1.47681  1.000 53.30050 ?  72  PRO A N   1 
ATOM   34  C CA  . PRO A 1 9  ? 4.70531   3.66156   -0.45774  1.000 51.48965 ?  72  PRO A CA  1 
ATOM   35  C C   . PRO A 1 9  ? 3.33944   3.13305   -0.86908  1.000 51.49235 ?  72  PRO A C   1 
ATOM   36  O O   . PRO A 1 9  ? 2.67113   2.47008   -0.06432  1.000 51.56095 ?  72  PRO A O   1 
ATOM   37  C CB  . PRO A 1 9  ? 4.70355   5.18653   -0.27724  1.000 47.53076 ?  72  PRO A CB  1 
ATOM   38  C CG  . PRO A 1 9  ? 6.06260   5.61887   -0.67769  1.000 52.14348 ?  72  PRO A CG  1 
ATOM   39  C CD  . PRO A 1 9  ? 6.49699   4.68732   -1.77026  1.000 53.47871 ?  72  PRO A CD  1 
ATOM   40  N N   . TYR A 1 10 ? 2.91293   3.39375   -2.11045  1.000 50.94078 ?  73  TYR A N   1 
ATOM   41  C CA  . TYR A 1 10 ? 1.56260   3.02376   -2.53080  1.000 52.75805 ?  73  TYR A CA  1 
ATOM   42  C C   . TYR A 1 10 ? 1.34604   1.51644   -2.46000  1.000 55.11540 ?  73  TYR A C   1 
ATOM   43  O O   . TYR A 1 10 ? 0.26236   1.04923   -2.08748  1.000 54.60125 ?  73  TYR A O   1 
ATOM   44  C CB  . TYR A 1 10 ? 1.29274   3.53243   -3.95154  1.000 51.89240 ?  73  TYR A CB  1 
ATOM   45  C CG  . TYR A 1 10 ? -0.01164  3.02650   -4.53171  1.000 47.53770 ?  73  TYR A CG  1 
ATOM   46  C CD1 . TYR A 1 10 ? -1.20520  3.70837   -4.31937  1.000 49.51387 ?  73  TYR A CD1 1 
ATOM   47  C CD2 . TYR A 1 10 ? -0.05228  1.85969   -5.28821  1.000 50.70100 ?  73  TYR A CD2 1 
ATOM   48  C CE1 . TYR A 1 10 ? -2.40128  3.23779   -4.84562  1.000 50.79476 ?  73  TYR A CE1 1 
ATOM   49  C CE2 . TYR A 1 10 ? -1.24082  1.38593   -5.81129  1.000 44.95518 ?  73  TYR A CE2 1 
ATOM   50  C CZ  . TYR A 1 10 ? -2.40868  2.07610   -5.59121  1.000 49.88290 ?  73  TYR A CZ  1 
ATOM   51  O OH  . TYR A 1 10 ? -3.58801  1.59911   -6.11945  1.000 51.96990 ?  73  TYR A OH  1 
ATOM   52  N N   . MET A 1 11 ? 2.37349   0.73718   -2.79844  1.000 52.77191 ?  74  MET A N   1 
ATOM   53  C CA  . MET A 1 11 ? 2.18955   -0.70502  -2.94458  1.000 54.68623 ?  74  MET A CA  1 
ATOM   54  C C   . MET A 1 11 ? 2.42747   -1.45662  -1.63885  1.000 52.14543 ?  74  MET A C   1 
ATOM   55  O O   . MET A 1 11 ? 1.89176   -2.55016  -1.45782  1.000 55.41279 ?  74  MET A O   1 
ATOM   56  C CB  . MET A 1 11 ? 3.10669   -1.26162  -4.04293  1.000 60.57331 ?  74  MET A CB  1 
ATOM   57  C CG  . MET A 1 11 ? 2.92028   -0.56363  -5.39617  1.000 68.18952 ?  74  MET A CG  1 
ATOM   58  S SD  . MET A 1 11 ? 2.82728   -1.55014  -6.87645  1.000 79.62866 ?  74  MET A SD  1 
ATOM   59  C CE  . MET A 1 11 ? 1.05118   -1.83370  -6.87870  1.000 68.80345 ?  74  MET A CE  1 
ATOM   60  N N   . ARG A 1 12 ? 3.25916   -0.93565  -0.73806  1.000 51.35019 ?  75  ARG A N   1 
ATOM   61  C CA  . ARG A 1 12 ? 3.31071   -1.49127  0.61077   1.000 51.96416 ?  75  ARG A CA  1 
ATOM   62  C C   . ARG A 1 12 ? 1.95386   -1.36460  1.29044   1.000 49.36158 ?  75  ARG A C   1 
ATOM   63  O O   . ARG A 1 12 ? 1.55331   -2.25373  2.04810   1.000 49.74600 ?  75  ARG A O   1 
ATOM   64  C CB  . ARG A 1 12 ? 4.41138   -0.80547  1.44258   1.000 50.34396 ?  75  ARG A CB  1 
ATOM   65  C CG  . ARG A 1 12 ? 4.47301   -1.30100  2.89021   1.000 54.22902 ?  75  ARG A CG  1 
ATOM   66  C CD  . ARG A 1 12 ? 5.89318   -1.57724  3.37126   1.000 61.22734 ?  75  ARG A CD  1 
ATOM   67  N NE  . ARG A 1 12 ? 5.92564   -2.60716  4.41095   1.000 73.27471 ?  75  ARG A NE  1 
ATOM   68  C CZ  . ARG A 1 12 ? 5.73358   -2.38821  5.71162   1.000 79.80051 ?  75  ARG A CZ  1 
ATOM   69  N NH1 . ARG A 1 12 ? 5.50046   -1.16109  6.16471   1.000 78.19814 ?  75  ARG A NH1 1 
ATOM   70  N NH2 . ARG A 1 12 ? 5.78196   -3.40375  6.56701   1.000 74.23728 ?  75  ARG A NH2 1 
ATOM   71  N N   . TYR A 1 13 ? 1.22605   -0.27745  1.02082   1.000 51.13289 ?  76  TYR A N   1 
ATOM   72  C CA  . TYR A 1 13 ? -0.15700  -0.18021  1.47772   1.000 48.68759 ?  76  TYR A CA  1 
ATOM   73  C C   . TYR A 1 13 ? -1.02525  -1.24220  0.81524   1.000 51.63197 ?  76  TYR A C   1 
ATOM   74  O O   . TYR A 1 13 ? -1.91208  -1.82065  1.45687   1.000 51.55481 ?  76  TYR A O   1 
ATOM   75  C CB  . TYR A 1 13 ? -0.70679  1.21764   1.19050   1.000 46.74759 ?  76  TYR A CB  1 
ATOM   76  C CG  . TYR A 1 13 ? -2.17802  1.37434   1.49293   1.000 48.66236 ?  76  TYR A CG  1 
ATOM   77  C CD1 . TYR A 1 13 ? -2.61705  1.60862   2.78666   1.000 47.01373 ?  76  TYR A CD1 1 
ATOM   78  C CD2 . TYR A 1 13 ? -3.12874  1.29243   0.48468   1.000 52.31993 ?  76  TYR A CD2 1 
ATOM   79  C CE1 . TYR A 1 13 ? -3.96180  1.75294   3.06946   1.000 47.41284 ?  76  TYR A CE1 1 
ATOM   80  C CE2 . TYR A 1 13 ? -4.47817  1.43287   0.76121   1.000 49.49116 ?  76  TYR A CE2 1 
ATOM   81  C CZ  . TYR A 1 13 ? -4.88692  1.66287   2.05338   1.000 45.83906 ?  76  TYR A CZ  1 
ATOM   82  O OH  . TYR A 1 13 ? -6.22837  1.80454   2.33080   1.000 52.67701 ?  76  TYR A OH  1 
ATOM   83  N N   . SER A 1 14 ? -0.78225  -1.51492  -0.46979  1.000 49.16371 ?  77  SER A N   1 
ATOM   84  C CA  . SER A 1 14 ? -1.55727  -2.53839  -1.16335  1.000 47.73421 ?  77  SER A CA  1 
ATOM   85  C C   . SER A 1 14 ? -1.29130  -3.91767  -0.57945  1.000 47.28459 ?  77  SER A C   1 
ATOM   86  O O   . SER A 1 14 ? -2.21319  -4.72724  -0.43471  1.000 49.08860 ?  77  SER A O   1 
ATOM   87  C CB  . SER A 1 14 ? -1.24080  -2.52167  -2.65772  1.000 52.52974 ?  77  SER A CB  1 
ATOM   88  O OG  . SER A 1 14 ? -1.21520  -1.19716  -3.15659  1.000 55.42086 ?  77  SER A OG  1 
ATOM   89  N N   . ARG A 1 15 ? -0.03568  -4.20214  -0.23337  1.000 51.91311 ?  78  ARG A N   1 
ATOM   90  C CA  . ARG A 1 15 ? 0.29039   -5.48963  0.36897   1.000 48.62788 ?  78  ARG A CA  1 
ATOM   91  C C   . ARG A 1 15 ? -0.33356  -5.62704  1.75262   1.000 50.12165 ?  78  ARG A C   1 
ATOM   92  O O   . ARG A 1 15 ? -0.88864  -6.67949  2.08830   1.000 48.70325 ?  78  ARG A O   1 
ATOM   93  C CB  . ARG A 1 15 ? 1.80659   -5.65876  0.44375   1.000 46.99956 ?  78  ARG A CB  1 
ATOM   94  C CG  . ARG A 1 15 ? 2.26276   -6.99054  1.01652   1.000 53.20480 ?  78  ARG A CG  1 
ATOM   95  C CD  . ARG A 1 15 ? 3.61322   -6.86242  1.70722   1.000 61.20747 ?  78  ARG A CD  1 
ATOM   96  N NE  . ARG A 1 15 ? 3.47816   -6.38938  3.08276   1.000 64.42910 ?  78  ARG A NE  1 
ATOM   97  C CZ  . ARG A 1 15 ? 4.42881   -5.73934  3.74665   1.000 68.66069 ?  78  ARG A CZ  1 
ATOM   98  N NH1 . ARG A 1 15 ? 4.21868   -5.34602  4.99639   1.000 68.22189 ?  78  ARG A NH1 1 
ATOM   99  N NH2 . ARG A 1 15 ? 5.58899   -5.47816  3.15906   1.000 68.32084 ?  78  ARG A NH2 1 
ATOM   100 N N   . LYS A 1 16 ? -0.26155  -4.57169  2.56587   1.000 51.58065 ?  79  LYS A N   1 
ATOM   101 C CA  . LYS A 1 16 ? -0.77811  -4.64019  3.92742   1.000 51.57011 ?  79  LYS A CA  1 
ATOM   102 C C   . LYS A 1 16 ? -2.29065  -4.79749  3.97275   1.000 49.03552 ?  79  LYS A C   1 
ATOM   103 O O   . LYS A 1 16 ? -2.81892  -5.27584  4.98047   1.000 57.89929 ?  79  LYS A O   1 
ATOM   104 C CB  . LYS A 1 16 ? -0.36811  -3.38893  4.70855   1.000 50.24910 ?  79  LYS A CB  1 
ATOM   105 C CG  . LYS A 1 16 ? 0.89894   -3.55497  5.53922   1.000 60.14709 ?  79  LYS A CG  1 
ATOM   106 C CD  . LYS A 1 16 ? 1.06851   -2.40564  6.52677   1.000 62.72975 ?  79  LYS A CD  1 
ATOM   107 C CE  . LYS A 1 16 ? 1.81270   -2.84989  7.78223   1.000 72.87667 ?  79  LYS A CE  1 
ATOM   108 N NZ  . LYS A 1 16 ? 1.50755   -1.97418  8.95381   1.000 73.02602 ?  79  LYS A NZ  1 
ATOM   109 N N   . VAL A 1 17 ? -2.99685  -4.42370  2.90677   1.000 46.31466 ?  80  VAL A N   1 
ATOM   110 C CA  . VAL A 1 17 ? -4.44984  -4.36940  2.90877   1.000 46.19665 ?  80  VAL A CA  1 
ATOM   111 C C   . VAL A 1 17 ? -5.08348  -5.34564  1.92838   1.000 49.70420 ?  80  VAL A C   1 
ATOM   112 O O   . VAL A 1 17 ? -6.31375  -5.43683  1.86735   1.000 48.83421 ?  80  VAL A O   1 
ATOM   113 C CB  . VAL A 1 17 ? -4.94286  -2.92939  2.63522   1.000 47.37318 ?  80  VAL A CB  1 
ATOM   114 C CG1 . VAL A 1 17 ? -5.03432  -2.65087  1.13930   1.000 47.91950 ?  80  VAL A CG1 1 
ATOM   115 C CG2 . VAL A 1 17 ? -6.26075  -2.66454  3.33349   1.000 47.43104 ?  80  VAL A CG2 1 
ATOM   116 N N   . TRP A 1 18 ? -4.27733  -6.11449  1.18468   1.000 51.03147 ?  81  TRP A N   1 
ATOM   117 C CA  . TRP A 1 18 ? -4.80762  -6.94875  0.10730   1.000 50.38063 ?  81  TRP A CA  1 
ATOM   118 C C   . TRP A 1 18 ? -5.75506  -8.02254  0.63216   1.000 51.08335 ?  81  TRP A C   1 
ATOM   119 O O   . TRP A 1 18 ? -6.82798  -8.25080  0.06189   1.000 52.14870 ?  81  TRP A O   1 
ATOM   120 C CB  . TRP A 1 18 ? -3.65757  -7.59382  -0.66845  1.000 49.57152 ?  81  TRP A CB  1 
ATOM   121 C CG  . TRP A 1 18 ? -4.10654  -8.31996  -1.89572  1.000 48.99937 ?  81  TRP A CG  1 
ATOM   122 C CD1 . TRP A 1 18 ? -4.60621  -9.59039  -1.96482  1.000 51.54454 ?  81  TRP A CD1 1 
ATOM   123 C CD2 . TRP A 1 18 ? -4.10639  -7.81581  -3.23415  1.000 48.36412 ?  81  TRP A CD2 1 
ATOM   124 N NE1 . TRP A 1 18 ? -4.91516  -9.90620  -3.26554  1.000 51.11569 ?  81  TRP A NE1 1 
ATOM   125 C CE2 . TRP A 1 18 ? -4.61676  -8.83354  -4.06447  1.000 51.67058 ?  81  TRP A CE2 1 
ATOM   126 C CE3 . TRP A 1 18 ? -3.72026  -6.60377  -3.81252  1.000 46.74684 ?  81  TRP A CE3 1 
ATOM   127 C CZ2 . TRP A 1 18 ? -4.75162  -8.67429  -5.44111  1.000 51.82118 ?  81  TRP A CZ2 1 
ATOM   128 C CZ3 . TRP A 1 18 ? -3.85606  -6.44656  -5.17849  1.000 46.21842 ?  81  TRP A CZ3 1 
ATOM   129 C CH2 . TRP A 1 18 ? -4.36692  -7.47558  -5.97806  1.000 46.45420 ?  81  TRP A CH2 1 
ATOM   130 N N   . ASP A 1 19 ? -5.36750  -8.70570  1.71162   1.000 54.64930 ?  82  ASP A N   1 
ATOM   131 C CA  . ASP A 1 19 ? -6.14292  -9.85397  2.17548   1.000 53.10915 ?  82  ASP A CA  1 
ATOM   132 C C   . ASP A 1 19 ? -7.52336  -9.43837  2.67258   1.000 56.30907 ?  82  ASP A C   1 
ATOM   133 O O   . ASP A 1 19 ? -8.51532  -10.13110 2.41276   1.000 60.08870 ?  82  ASP A O   1 
ATOM   134 C CB  . ASP A 1 19 ? -5.37556  -10.59564 3.26896   1.000 60.02089 ?  82  ASP A CB  1 
ATOM   135 C CG  . ASP A 1 19 ? -4.10285  -11.24305 2.75025   1.000 58.80192 ?  82  ASP A CG  1 
ATOM   136 O OD1 . ASP A 1 19 ? -4.12206  -11.77003 1.61717   1.000 55.15661 ?  82  ASP A OD1 1 
ATOM   137 O OD2 . ASP A 1 19 ? -3.08426  -11.22519 3.47455   1.000 61.38508 -1 82  ASP A OD2 1 
ATOM   138 N N   . GLN A 1 20 ? -7.61175  -8.30955  3.38145   1.000 52.72278 ?  83  GLN A N   1 
ATOM   139 C CA  . GLN A 1 20 ? -8.90785  -7.85095  3.87309   1.000 51.98889 ?  83  GLN A CA  1 
ATOM   140 C C   . GLN A 1 20 ? -9.81226  -7.38998  2.73806   1.000 56.34563 ?  83  GLN A C   1 
ATOM   141 O O   . GLN A 1 20 ? -11.04087 -7.41558  2.87656   1.000 58.09336 ?  83  GLN A O   1 
ATOM   142 C CB  . GLN A 1 20 ? -8.72305  -6.72624  4.89212   1.000 55.37589 ?  83  GLN A CB  1 
ATOM   143 C CG  . GLN A 1 20 ? -8.29147  -7.21383  6.26637   1.000 55.45479 ?  83  GLN A CG  1 
ATOM   144 C CD  . GLN A 1 20 ? -9.39572  -7.96933  6.98222   1.000 58.00305 ?  83  GLN A CD  1 
ATOM   145 O OE1 . GLN A 1 20 ? -10.51911 -7.48327  7.10525   1.000 56.63266 ?  83  GLN A OE1 1 
ATOM   146 N NE2 . GLN A 1 20 ? -9.08174  -9.17121  7.45048   1.000 66.29583 ?  83  GLN A NE2 1 
ATOM   147 N N   . VAL A 1 21 ? -9.23179  -6.95508  1.61840   1.000 58.66057 ?  84  VAL A N   1 
ATOM   148 C CA  . VAL A 1 21 ? -10.04295 -6.64763  0.44567   1.000 54.76451 ?  84  VAL A CA  1 
ATOM   149 C C   . VAL A 1 21 ? -10.59574 -7.93055  -0.15751  1.000 55.80455 ?  84  VAL A C   1 
ATOM   150 O O   . VAL A 1 21 ? -11.75511 -7.98570  -0.58569  1.000 59.03638 ?  84  VAL A O   1 
ATOM   151 C CB  . VAL A 1 21 ? -9.22126  -5.84016  -0.57479  1.000 52.87102 ?  84  VAL A CB  1 
ATOM   152 C CG1 . VAL A 1 21 ? -10.03909 -5.56211  -1.82160  1.000 43.07598 ?  84  VAL A CG1 1 
ATOM   153 C CG2 . VAL A 1 21 ? -8.74888  -4.53923  0.05063   1.000 50.38457 ?  84  VAL A CG2 1 
ATOM   154 N N   . LYS A 1 22 ? -9.78226  -8.98789  -0.18657  1.000 55.64815 ?  85  LYS A N   1 
ATOM   155 C CA  . LYS A 1 22 ? -10.28815 -10.28667 -0.61115  1.000 60.25762 ?  85  LYS A CA  1 
ATOM   156 C C   . LYS A 1 22 ? -11.30312 -10.83618 0.38264   1.000 60.86776 ?  85  LYS A C   1 
ATOM   157 O O   . LYS A 1 22 ? -12.25221 -11.51985 -0.01620  1.000 59.04990 ?  85  LYS A O   1 
ATOM   158 C CB  . LYS A 1 22 ? -9.12962  -11.26854 -0.79451  1.000 55.96715 ?  85  LYS A CB  1 
ATOM   159 C CG  . LYS A 1 22 ? -9.54029  -12.61141 -1.37489  1.000 60.77491 ?  85  LYS A CG  1 
ATOM   160 C CD  . LYS A 1 22 ? -8.34649  -13.35779 -1.95506  1.000 72.75778 ?  85  LYS A CD  1 
ATOM   161 C CE  . LYS A 1 22 ? -7.31352  -13.66860 -0.88158  1.000 75.56009 ?  85  LYS A CE  1 
ATOM   162 N NZ  . LYS A 1 22 ? -6.18423  -14.48359 -1.41255  1.000 67.56038 ?  85  LYS A NZ  1 
ATOM   163 N N   . ALA A 1 23 ? -11.12879 -10.54049 1.67366   1.000 62.17352 ?  86  ALA A N   1 
ATOM   164 C CA  . ALA A 1 23 ? -12.06804 -11.03226 2.67517   1.000 58.09071 ?  86  ALA A CA  1 
ATOM   165 C C   . ALA A 1 23 ? -13.44138 -10.39449 2.52247   1.000 58.77285 ?  86  ALA A C   1 
ATOM   166 O O   . ALA A 1 23 ? -14.45141 -11.02107 2.85942   1.000 66.13070 ?  86  ALA A O   1 
ATOM   167 C CB  . ALA A 1 23 ? -11.52279 -10.78304 4.08077   1.000 55.71245 ?  86  ALA A CB  1 
ATOM   168 N N   . SER A 1 24 ? -13.50564 -9.16186  2.01374   1.000 56.52879 ?  87  SER A N   1 
ATOM   169 C CA  . SER A 1 24 ? -14.79381 -8.49409  1.86971   1.000 57.05518 ?  87  SER A CA  1 
ATOM   170 C C   . SER A 1 24 ? -15.62762 -9.07907  0.73796   1.000 57.17256 ?  87  SER A C   1 
ATOM   171 O O   . SER A 1 24 ? -16.84207 -8.85504  0.70152   1.000 59.37042 ?  87  SER A O   1 
ATOM   172 C CB  . SER A 1 24 ? -14.58988 -6.99429  1.64831   1.000 58.17726 ?  87  SER A CB  1 
ATOM   173 O OG  . SER A 1 24 ? -13.91413 -6.74204  0.42945   1.000 59.40353 ?  87  SER A OG  1 
ATOM   174 N N   . ASN A 1 25 ? -15.00773 -9.82385  -0.17366  1.000 60.30839 ?  88  ASN A N   1 
ATOM   175 C CA  . ASN A 1 25 ? -15.67907 -10.44242 -1.31007  1.000 59.73322 ?  88  ASN A CA  1 
ATOM   176 C C   . ASN A 1 25 ? -14.70114 -11.38265 -2.00517  1.000 58.57765 ?  88  ASN A C   1 
ATOM   177 O O   . ASN A 1 25 ? -13.98206 -10.96161 -2.91879  1.000 60.88081 ?  88  ASN A O   1 
ATOM   178 C CB  . ASN A 1 25 ? -16.19502 -9.37518  -2.28012  1.000 58.72487 ?  88  ASN A CB  1 
ATOM   179 C CG  . ASN A 1 25 ? -17.06263 -9.94957  -3.39074  1.000 60.63228 ?  88  ASN A CG  1 
ATOM   180 O OD1 . ASN A 1 25 ? -17.11696 -11.16252 -3.59937  1.000 60.36627 ?  88  ASN A OD1 1 
ATOM   181 N ND2 . ASN A 1 25 ? -17.73954 -9.06850  -4.11932  1.000 63.17869 ?  88  ASN A ND2 1 
ATOM   182 N N   . PRO A 1 26 ? -14.63800 -12.65395 -1.60230  1.000 60.39341 ?  89  PRO A N   1 
ATOM   183 C CA  . PRO A 1 26 ? -13.66102 -13.57057 -2.21657  1.000 58.66806 ?  89  PRO A CA  1 
ATOM   184 C C   . PRO A 1 26 ? -13.89226 -13.81654 -3.69676  1.000 62.35644 ?  89  PRO A C   1 
ATOM   185 O O   . PRO A 1 26 ? -12.97877 -14.30211 -4.37542  1.000 66.26432 ?  89  PRO A O   1 
ATOM   186 C CB  . PRO A 1 26 ? -13.82884 -14.86053 -1.40221  1.000 62.68084 ?  89  PRO A CB  1 
ATOM   187 C CG  . PRO A 1 26 ? -14.42872 -14.41462 -0.10219  1.000 62.06389 ?  89  PRO A CG  1 
ATOM   188 C CD  . PRO A 1 26 ? -15.32873 -13.26664 -0.45626  1.000 60.70290 ?  89  PRO A CD  1 
ATOM   189 N N   . ASP A 1 27 ? -15.07501 -13.49744 -4.22328  1.000 60.51915 ?  90  ASP A N   1 
ATOM   190 C CA  . ASP A 1 27 ? -15.32225 -13.63651 -5.65361  1.000 62.63310 ?  90  ASP A CA  1 
ATOM   191 C C   . ASP A 1 27 ? -14.63561 -12.55969 -6.47871  1.000 64.22272 ?  90  ASP A C   1 
ATOM   192 O O   . ASP A 1 27 ? -14.70738 -12.61372 -7.71204  1.000 66.74617 ?  90  ASP A O   1 
ATOM   193 C CB  . ASP A 1 27 ? -16.82548 -13.61262 -5.93503  1.000 59.63894 ?  90  ASP A CB  1 
ATOM   194 C CG  . ASP A 1 27 ? -17.51709 -14.89331 -5.51427  1.000 69.79865 ?  90  ASP A CG  1 
ATOM   195 O OD1 . ASP A 1 27 ? -16.81216 -15.87930 -5.20558  1.000 66.49225 ?  90  ASP A OD1 1 
ATOM   196 O OD2 . ASP A 1 27 ? -18.76668 -14.91130 -5.48731  1.000 75.22780 -1 90  ASP A OD2 1 
ATOM   197 N N   . LEU A 1 28 ? -13.98029 -11.59327 -5.84022  1.000 62.24780 ?  91  LEU A N   1 
ATOM   198 C CA  . LEU A 1 28 ? -13.33908 -10.50982 -6.57172  1.000 61.14477 ?  91  LEU A CA  1 
ATOM   199 C C   . LEU A 1 28 ? -12.09565 -11.01396 -7.29065  1.000 57.56505 ?  91  LEU A C   1 
ATOM   200 O O   . LEU A 1 28 ? -11.24967 -11.69024 -6.69622  1.000 60.10421 ?  91  LEU A O   1 
ATOM   201 C CB  . LEU A 1 28 ? -12.97187 -9.37304  -5.62131  1.000 56.60310 ?  91  LEU A CB  1 
ATOM   202 C CG  . LEU A 1 28 ? -14.14151 -8.53423  -5.11051  1.000 56.72125 ?  91  LEU A CG  1 
ATOM   203 C CD1 . LEU A 1 28 ? -13.65198 -7.51692  -4.09536  1.000 59.32863 ?  91  LEU A CD1 1 
ATOM   204 C CD2 . LEU A 1 28 ? -14.86568 -7.85346  -6.26255  1.000 57.72955 ?  91  LEU A CD2 1 
ATOM   205 N N   . LYS A 1 29 ? -11.98725 -10.68185 -8.57296  1.000 55.81600 ?  92  LYS A N   1 
ATOM   206 C CA  . LYS A 1 29 ? -10.81011 -11.03200 -9.34782  1.000 60.16834 ?  92  LYS A CA  1 
ATOM   207 C C   . LYS A 1 29 ? -9.65972  -10.07674 -9.02485  1.000 56.01522 ?  92  LYS A C   1 
ATOM   208 O O   . LYS A 1 29 ? -9.83892  -9.02897  -8.39523  1.000 51.16753 ?  92  LYS A O   1 
ATOM   209 C CB  . LYS A 1 29 ? -11.13483 -11.01766 -10.84185 1.000 59.88575 ?  92  LYS A CB  1 
ATOM   210 C CG  . LYS A 1 29 ? -12.42941 -11.74170 -11.19232 1.000 62.47938 ?  92  LYS A CG  1 
ATOM   211 C CD  . LYS A 1 29 ? -12.29528 -12.54540 -12.47579 1.000 71.00194 ?  92  LYS A CD  1 
ATOM   212 C CE  . LYS A 1 29 ? -13.27644 -13.71096 -12.50584 1.000 71.42262 ?  92  LYS A CE  1 
ATOM   213 N NZ  . LYS A 1 29 ? -12.64213 -14.96419 -13.01375 1.000 72.26393 ?  92  LYS A NZ  1 
ATOM   214 N N   . LEU A 1 30 ? -8.45830  -10.45824 -9.46680  1.000 51.96382 ?  93  LEU A N   1 
ATOM   215 C CA  . LEU A 1 30 ? -7.26613  -9.68431  -9.13634  1.000 46.49141 ?  93  LEU A CA  1 
ATOM   216 C C   . LEU A 1 30 ? -7.39672  -8.23725  -9.58880  1.000 47.52287 ?  93  LEU A C   1 
ATOM   217 O O   . LEU A 1 30 ? -7.06964  -7.31349  -8.83512  1.000 51.28738 ?  93  LEU A O   1 
ATOM   218 C CB  . LEU A 1 30 ? -6.03210  -10.32995 -9.76299  1.000 51.45145 ?  93  LEU A CB  1 
ATOM   219 C CG  . LEU A 1 30 ? -5.58583  -11.64619 -9.12846  1.000 48.28284 ?  93  LEU A CG  1 
ATOM   220 C CD1 . LEU A 1 30 ? -4.53381  -12.32703 -9.98730  1.000 44.71529 ?  93  LEU A CD1 1 
ATOM   221 C CD2 . LEU A 1 30 ? -5.06295  -11.39678 -7.72885  1.000 47.93242 ?  93  LEU A CD2 1 
ATOM   222 N N   . TRP A 1 31 ? -7.88344  -8.01629  -10.81177 1.000 49.31824 ?  94  TRP A N   1 
ATOM   223 C CA  . TRP A 1 31 ? -8.00193  -6.64998  -11.30767 1.000 46.21158 ?  94  TRP A CA  1 
ATOM   224 C C   . TRP A 1 31 ? -9.04680  -5.86054  -10.53134 1.000 48.70865 ?  94  TRP A C   1 
ATOM   225 O O   . TRP A 1 31 ? -8.93010  -4.63508  -10.41077 1.000 50.94882 ?  94  TRP A O   1 
ATOM   226 C CB  . TRP A 1 31 ? -8.31378  -6.65076  -12.80731 1.000 51.85462 ?  94  TRP A CB  1 
ATOM   227 C CG  . TRP A 1 31 ? -9.63791  -7.23577  -13.19433 1.000 54.87428 ?  94  TRP A CG  1 
ATOM   228 C CD1 . TRP A 1 31 ? -9.89168  -8.53035  -13.54647 1.000 55.82161 ?  94  TRP A CD1 1 
ATOM   229 C CD2 . TRP A 1 31 ? -10.88603 -6.54080  -13.29701 1.000 57.06187 ?  94  TRP A CD2 1 
ATOM   230 N NE1 . TRP A 1 31 ? -11.22288 -8.68686  -13.84818 1.000 56.26869 ?  94  TRP A NE1 1 
ATOM   231 C CE2 . TRP A 1 31 ? -11.85537 -7.48054  -13.70212 1.000 59.26414 ?  94  TRP A CE2 1 
ATOM   232 C CE3 . TRP A 1 31 ? -11.28027 -5.21771  -13.07545 1.000 54.92250 ?  94  TRP A CE3 1 
ATOM   233 C CZ2 . TRP A 1 31 ? -13.19249 -7.13861  -13.89079 1.000 62.41935 ?  94  TRP A CZ2 1 
ATOM   234 C CZ3 . TRP A 1 31 ? -12.60765 -4.87989  -13.26440 1.000 53.30530 ?  94  TRP A CZ3 1 
ATOM   235 C CH2 . TRP A 1 31 ? -13.54785 -5.83642  -13.66704 1.000 61.32931 ?  94  TRP A CH2 1 
ATOM   236 N N   . GLU A 1 32 ? -10.05699 -6.53817  -9.98077  1.000 51.37562 ?  95  GLU A N   1 
ATOM   237 C CA  . GLU A 1 32 ? -11.04726 -5.84325  -9.16516  1.000 50.79771 ?  95  GLU A CA  1 
ATOM   238 C C   . GLU A 1 32 ? -10.47075 -5.42631  -7.82044  1.000 43.89532 ?  95  GLU A C   1 
ATOM   239 O O   . GLU A 1 32 ? -10.85424 -4.38357  -7.28097  1.000 46.50961 ?  95  GLU A O   1 
ATOM   240 C CB  . GLU A 1 32 ? -12.27630 -6.72408  -8.96006  1.000 54.68927 ?  95  GLU A CB  1 
ATOM   241 C CG  . GLU A 1 32 ? -12.75855 -7.41553  -10.21987 1.000 57.27337 ?  95  GLU A CG  1 
ATOM   242 C CD  . GLU A 1 32 ? -14.07013 -8.14363  -10.01129 1.000 60.05935 ?  95  GLU A CD  1 
ATOM   243 O OE1 . GLU A 1 32 ? -15.12611 -7.47837  -10.00673 1.000 62.19536 ?  95  GLU A OE1 1 
ATOM   244 O OE2 . GLU A 1 32 ? -14.04359 -9.38160  -9.84381  1.000 67.69261 -1 95  GLU A OE2 1 
ATOM   245 N N   . ILE A 1 33 ? -9.55371  -6.22004  -7.26779  1.000 47.48987 ?  96  ILE A N   1 
ATOM   246 C CA  . ILE A 1 33 ? -8.90383  -5.84575  -6.01630  1.000 48.34194 ?  96  ILE A CA  1 
ATOM   247 C C   . ILE A 1 33 ? -8.02509  -4.61749  -6.21589  1.000 48.02093 ?  96  ILE A C   1 
ATOM   248 O O   . ILE A 1 33 ? -8.04829  -3.68094  -5.40733  1.000 46.87453 ?  96  ILE A O   1 
ATOM   249 C CB  . ILE A 1 33 ? -8.09818  -7.03314  -5.46340  1.000 46.95240 ?  96  ILE A CB  1 
ATOM   250 C CG1 . ILE A 1 33 ? -9.02336  -8.23043  -5.22356  1.000 48.46279 ?  96  ILE A CG1 1 
ATOM   251 C CG2 . ILE A 1 33 ? -7.35859  -6.62678  -4.19696  1.000 43.03842 ?  96  ILE A CG2 1 
ATOM   252 C CD1 . ILE A 1 33 ? -8.30019  -9.49748  -4.82068  1.000 47.77642 ?  96  ILE A CD1 1 
ATOM   253 N N   . GLY A 1 34 ? -7.23880  -4.59947  -7.29306  1.000 47.97579 ?  97  GLY A N   1 
ATOM   254 C CA  . GLY A 1 34 ? -6.38396  -3.45233  -7.55143  1.000 45.38372 ?  97  GLY A CA  1 
ATOM   255 C C   . GLY A 1 34 ? -7.16938  -2.17555  -7.77569  1.000 48.02400 ?  97  GLY A C   1 
ATOM   256 O O   . GLY A 1 34 ? -6.75711  -1.09771  -7.34133  1.000 50.34455 ?  97  GLY A O   1 
ATOM   257 N N   . LYS A 1 35 ? -8.31520  -2.27708  -8.45426  1.000 53.37175 ?  98  LYS A N   1 
ATOM   258 C CA  . LYS A 1 35 ? -9.15771  -1.10293  -8.65625  1.000 51.15672 ?  98  LYS A CA  1 
ATOM   259 C C   . LYS A 1 35 ? -9.68192  -0.56779  -7.32886  1.000 50.54436 ?  98  LYS A C   1 
ATOM   260 O O   . LYS A 1 35 ? -9.72398  0.64914   -7.11232  1.000 53.62591 ?  98  LYS A O   1 
ATOM   261 C CB  . LYS A 1 35 ? -10.31800 -1.44414  -9.59109  1.000 52.94642 ?  98  LYS A CB  1 
ATOM   262 C CG  . LYS A 1 35 ? -9.94802  -1.51553  -11.06823 1.000 57.92959 ?  98  LYS A CG  1 
ATOM   263 C CD  . LYS A 1 35 ? -10.22003 -0.19359  -11.76706 1.000 58.02746 ?  98  LYS A CD  1 
ATOM   264 C CE  . LYS A 1 35 ? -10.28335 -0.35574  -13.27635 1.000 60.35844 ?  98  LYS A CE  1 
ATOM   265 N NZ  . LYS A 1 35 ? -10.67622 0.92212   -13.94233 1.000 66.46919 ?  98  LYS A NZ  1 
ATOM   266 N N   . ILE A 1 36 ? -10.08274 -1.46379  -6.42629  1.000 46.51700 ?  99  ILE A N   1 
ATOM   267 C CA  . ILE A 1 36 ? -10.61714 -1.03647  -5.13770  1.000 48.09937 ?  99  ILE A CA  1 
ATOM   268 C C   . ILE A 1 36 ? -9.52486  -0.40370  -4.28683  1.000 50.33625 ?  99  ILE A C   1 
ATOM   269 O O   . ILE A 1 36 ? -9.73987  0.63175   -3.64394  1.000 49.47814 ?  99  ILE A O   1 
ATOM   270 C CB  . ILE A 1 36 ? -11.27403 -2.22812  -4.42000  1.000 50.54269 ?  99  ILE A CB  1 
ATOM   271 C CG1 . ILE A 1 36 ? -12.57405 -2.61813  -5.12791  1.000 52.52783 ?  99  ILE A CG1 1 
ATOM   272 C CG2 . ILE A 1 36 ? -11.51071 -1.90589  -2.94887  1.000 50.53415 ?  99  ILE A CG2 1 
ATOM   273 C CD1 . ILE A 1 36 ? -12.99564 -4.04492  -4.87472  1.000 51.81608 ?  99  ILE A CD1 1 
ATOM   274 N N   . ILE A 1 37 ? -8.33944  -1.01671  -4.26564  1.000 49.39015 ?  100 ILE A N   1 
ATOM   275 C CA  . ILE A 1 37 ? -7.23781  -0.48881  -3.46726  1.000 45.17335 ?  100 ILE A CA  1 
ATOM   276 C C   . ILE A 1 37 ? -6.89030  0.92356   -3.91102  1.000 47.22476 ?  100 ILE A C   1 
ATOM   277 O O   . ILE A 1 37 ? -6.56985  1.78924   -3.08602  1.000 48.45763 ?  100 ILE A O   1 
ATOM   278 C CB  . ILE A 1 37 ? -6.02731  -1.43527  -3.55234  1.000 45.75422 ?  100 ILE A CB  1 
ATOM   279 C CG1 . ILE A 1 37 ? -6.32061  -2.71958  -2.77535  1.000 40.84012 ?  100 ILE A CG1 1 
ATOM   280 C CG2 . ILE A 1 37 ? -4.76523  -0.75627  -3.03943  1.000 43.14587 ?  100 ILE A CG2 1 
ATOM   281 C CD1 . ILE A 1 37 ? -5.17688  -3.69264  -2.76459  1.000 42.77693 ?  100 ILE A CD1 1 
ATOM   282 N N   . GLY A 1 38 ? -6.96335  1.18531   -5.21810  1.000 49.66696 ?  101 GLY A N   1 
ATOM   283 C CA  . GLY A 1 38 ? -6.77088  2.54185   -5.70141  1.000 47.87764 ?  101 GLY A CA  1 
ATOM   284 C C   . GLY A 1 38 ? -7.75730  3.51830   -5.08690  1.000 49.09802 ?  101 GLY A C   1 
ATOM   285 O O   . GLY A 1 38 ? -7.39630  4.64292   -4.73925  1.000 51.51620 ?  101 GLY A O   1 
ATOM   286 N N   . GLY A 1 39 ? -9.01128  3.09316   -4.93259  1.000 48.44250 ?  102 GLY A N   1 
ATOM   287 C CA  . GLY A 1 39 ? -9.98332  3.94020   -4.26156  1.000 47.27694 ?  102 GLY A CA  1 
ATOM   288 C C   . GLY A 1 39 ? -9.67175  4.12986   -2.78846  1.000 49.83195 ?  102 GLY A C   1 
ATOM   289 O O   . GLY A 1 39 ? -9.82061  5.23112   -2.25262  1.000 53.66584 ?  102 GLY A O   1 
ATOM   290 N N   . MET A 1 40 ? -9.22901  3.06200   -2.11710  1.000 46.63283 ?  103 MET A N   1 
ATOM   291 C CA  . MET A 1 40 ? -8.92431  3.15592   -0.69206  1.000 47.52523 ?  103 MET A CA  1 
ATOM   292 C C   . MET A 1 40 ? -7.75455  4.09558   -0.43876  1.000 49.64066 ?  103 MET A C   1 
ATOM   293 O O   . MET A 1 40 ? -7.76788  4.86835   0.52703   1.000 51.03112 ?  103 MET A O   1 
ATOM   294 C CB  . MET A 1 40 ? -8.62560  1.76976   -0.12455  1.000 43.14026 ?  103 MET A CB  1 
ATOM   295 C CG  . MET A 1 40 ? -9.76593  0.78291   -0.26698  1.000 47.28099 ?  103 MET A CG  1 
ATOM   296 S SD  . MET A 1 40 ? -9.28652  -0.86596  0.27490   1.000 47.11529 ?  103 MET A SD  1 
ATOM   297 C CE  . MET A 1 40 ? -8.66461  -0.49614  1.90991   1.000 48.04099 ?  103 MET A CE  1 
ATOM   298 N N   . TRP A 1 41 ? -6.72815  4.04015   -1.29126  1.000 49.61608 ?  104 TRP A N   1 
ATOM   299 C CA  . TRP A 1 41 ? -5.60898  4.96395   -1.14897  1.000 46.90030 ?  104 TRP A CA  1 
ATOM   300 C C   . TRP A 1 41 ? -6.05832  6.40242   -1.36883  1.000 48.61836 ?  104 TRP A C   1 
ATOM   301 O O   . TRP A 1 41 ? -5.58386  7.31595   -0.68490  1.000 52.88768 ?  104 TRP A O   1 
ATOM   302 C CB  . TRP A 1 41 ? -4.48698  4.59089   -2.12108  1.000 46.76288 ?  104 TRP A CB  1 
ATOM   303 C CG  . TRP A 1 41 ? -3.34653  5.57572   -2.13624  1.000 49.95156 ?  104 TRP A CG  1 
ATOM   304 C CD1 . TRP A 1 41 ? -3.23869  6.69850   -2.90993  1.000 49.99271 ?  104 TRP A CD1 1 
ATOM   305 C CD2 . TRP A 1 41 ? -2.15831  5.52747   -1.33466  1.000 47.44837 ?  104 TRP A CD2 1 
ATOM   306 N NE1 . TRP A 1 41 ? -2.05768  7.34871   -2.63920  1.000 48.67355 ?  104 TRP A NE1 1 
ATOM   307 C CE2 . TRP A 1 41 ? -1.37723  6.65091   -1.67522  1.000 50.65943 ?  104 TRP A CE2 1 
ATOM   308 C CE3 . TRP A 1 41 ? -1.67949  4.64391   -0.36178  1.000 48.08738 ?  104 TRP A CE3 1 
ATOM   309 C CZ2 . TRP A 1 41 ? -0.14232  6.91185   -1.07737  1.000 46.39124 ?  104 TRP A CZ2 1 
ATOM   310 C CZ3 . TRP A 1 41 ? -0.45407  4.90533   0.22945   1.000 45.77581 ?  104 TRP A CZ3 1 
ATOM   311 C CH2 . TRP A 1 41 ? 0.29975   6.02905   -0.13066  1.000 40.93854 ?  104 TRP A CH2 1 
ATOM   312 N N   . ARG A 1 42 ? -6.97712  6.62159   -2.31490  1.000 50.52049 ?  105 ARG A N   1 
ATOM   313 C CA  . ARG A 1 42 ? -7.47362  7.97111   -2.57141  1.000 53.56982 ?  105 ARG A CA  1 
ATOM   314 C C   . ARG A 1 42 ? -8.17009  8.54403   -1.34348  1.000 54.76353 ?  105 ARG A C   1 
ATOM   315 O O   . ARG A 1 42 ? -8.06134  9.74344   -1.05939  1.000 60.00451 ?  105 ARG A O   1 
ATOM   316 C CB  . ARG A 1 42 ? -8.42154  7.96061   -3.77260  1.000 54.04028 ?  105 ARG A CB  1 
ATOM   317 C CG  . ARG A 1 42 ? -8.94299  9.33340   -4.17688  1.000 59.11195 ?  105 ARG A CG  1 
ATOM   318 C CD  . ARG A 1 42 ? -10.08354 9.22550   -5.18692  1.000 62.82322 ?  105 ARG A CD  1 
ATOM   319 N NE  . ARG A 1 42 ? -10.55733 10.53865  -5.62271  1.000 69.22494 ?  105 ARG A NE  1 
ATOM   320 C CZ  . ARG A 1 42 ? -11.64348 10.73821  -6.36468  1.000 72.37007 ?  105 ARG A CZ  1 
ATOM   321 N NH1 . ARG A 1 42 ? -12.37866 9.70872   -6.76076  1.000 69.52014 ?  105 ARG A NH1 1 
ATOM   322 N NH2 . ARG A 1 42 ? -11.99664 11.96953  -6.71159  1.000 75.35007 ?  105 ARG A NH2 1 
ATOM   323 N N   . ASP A 1 43 ? -8.87576  7.69490   -0.59358  1.000 53.80296 ?  106 ASP A N   1 
ATOM   324 C CA  . ASP A 1 43 ? -9.60289  8.11681   0.59711   1.000 53.44455 ?  106 ASP A CA  1 
ATOM   325 C C   . ASP A 1 43 ? -8.68742  8.44921   1.76766   1.000 53.28818 ?  106 ASP A C   1 
ATOM   326 O O   . ASP A 1 43 ? -9.16936  8.97676   2.77633   1.000 54.48694 ?  106 ASP A O   1 
ATOM   327 C CB  . ASP A 1 43 ? -10.58844 7.02015   1.00981   1.000 53.85253 ?  106 ASP A CB  1 
ATOM   328 C CG  . ASP A 1 43 ? -11.91445 7.57516   1.48831   1.000 60.29969 ?  106 ASP A CG  1 
ATOM   329 O OD1 . ASP A 1 43 ? -12.52721 8.37107   0.74571   1.000 61.27209 ?  106 ASP A OD1 1 
ATOM   330 O OD2 . ASP A 1 43 ? -12.34952 7.20869   2.60162   1.000 67.23265 -1 106 ASP A OD2 1 
ATOM   331 N N   . LEU A 1 44 ? -7.39376  8.15953   1.66223   1.000 50.64713 ?  107 LEU A N   1 
ATOM   332 C CA  . LEU A 1 44 ? -6.48378  8.36528   2.77830   1.000 54.83448 ?  107 LEU A CA  1 
ATOM   333 C C   . LEU A 1 44 ? -6.19932  9.84680   2.99202   1.000 55.08161 ?  107 LEU A C   1 
ATOM   334 O O   . LEU A 1 44 ? -6.13402  10.63415  2.04433   1.000 62.25869 ?  107 LEU A O   1 
ATOM   335 C CB  . LEU A 1 44 ? -5.17149  7.62124   2.53846   1.000 54.79795 ?  107 LEU A CB  1 
ATOM   336 C CG  . LEU A 1 44 ? -5.21971  6.10239   2.67049   1.000 48.78253 ?  107 LEU A CG  1 
ATOM   337 C CD1 . LEU A 1 44 ? -3.89744  5.51351   2.23279   1.000 51.53584 ?  107 LEU A CD1 1 
ATOM   338 C CD2 . LEU A 1 44 ? -5.53525  5.71145   4.09964   1.000 53.06540 ?  107 LEU A CD2 1 
ATOM   339 N N   . THR A 1 45 ? -6.02085  10.22015  4.25756   1.000 52.26105 ?  108 THR A N   1 
ATOM   340 C CA  . THR A 1 45 ? -5.61252  11.57733  4.58050   1.000 55.21970 ?  108 THR A CA  1 
ATOM   341 C C   . THR A 1 45 ? -4.15951  11.80123  4.17239   1.000 59.72488 ?  108 THR A C   1 
ATOM   342 O O   . THR A 1 45 ? -3.40112  10.85970  3.92162   1.000 58.09952 ?  108 THR A O   1 
ATOM   343 C CB  . THR A 1 45 ? -5.76457  11.85894  6.07545   1.000 58.78689 ?  108 THR A CB  1 
ATOM   344 O OG1 . THR A 1 45 ? -4.85993  11.02546  6.81143   1.000 60.17397 ?  108 THR A OG1 1 
ATOM   345 C CG2 . THR A 1 45 ? -7.18949  11.57928  6.53364   1.000 58.36492 ?  108 THR A CG2 1 
ATOM   346 N N   . ASP A 1 46 ? -3.77190  13.07695  4.11541   1.000 64.13464 ?  109 ASP A N   1 
ATOM   347 C CA  . ASP A 1 46 ? -2.39445  13.40722  3.76336   1.000 63.34122 ?  109 ASP A CA  1 
ATOM   348 C C   . ASP A 1 46 ? -1.41902  12.96771  4.84755   1.000 59.69571 ?  109 ASP A C   1 
ATOM   349 O O   . ASP A 1 46 ? -0.28026  12.58926  4.54163   1.000 57.32720 ?  109 ASP A O   1 
ATOM   350 C CB  . ASP A 1 46 ? -2.26540  14.90841  3.49237   1.000 65.11808 ?  109 ASP A CB  1 
ATOM   351 C CG  . ASP A 1 46 ? -3.02589  15.34664  2.25047   1.000 73.15416 ?  109 ASP A CG  1 
ATOM   352 O OD1 . ASP A 1 46 ? -3.57926  14.47115  1.54681   1.000 72.37938 ?  109 ASP A OD1 1 
ATOM   353 O OD2 . ASP A 1 46 ? -3.05850  16.56468  1.97305   1.000 81.06470 -1 109 ASP A OD2 1 
ATOM   354 N N   . GLU A 1 47 ? -1.84653  12.99707  6.11311   1.000 61.84472 ?  110 GLU A N   1 
ATOM   355 C CA  . GLU A 1 47 ? -0.97320  12.55728  7.19447   1.000 61.74900 ?  110 GLU A CA  1 
ATOM   356 C C   . GLU A 1 47 ? -0.82481  11.04178  7.20583   1.000 58.38939 ?  110 GLU A C   1 
ATOM   357 O O   . GLU A 1 47 ? 0.23720   10.51724  7.56047   1.000 58.78842 ?  110 GLU A O   1 
ATOM   358 C CB  . GLU A 1 47 ? -1.49746  13.06123  8.54102   1.000 58.20491 ?  110 GLU A CB  1 
ATOM   359 C CG  . GLU A 1 47 ? -3.00970  13.01347  8.69681   1.000 72.70932 ?  110 GLU A CG  1 
ATOM   360 C CD  . GLU A 1 47 ? -3.70806  14.25978  8.16866   1.000 73.74039 ?  110 GLU A CD  1 
ATOM   361 O OE1 . GLU A 1 47 ? -4.84584  14.52975  8.61280   1.000 72.71681 ?  110 GLU A OE1 1 
ATOM   362 O OE2 . GLU A 1 47 ? -3.12559  14.95856  7.30881   1.000 72.95392 -1 110 GLU A OE2 1 
ATOM   363 N N   . GLU A 1 48 ? -1.89003  10.31604  6.84126   1.000 55.38030 ?  111 GLU A N   1 
ATOM   364 C CA  . GLU A 1 48 ? -1.78544  8.86801   6.69571   1.000 54.05240 ?  111 GLU A CA  1 
ATOM   365 C C   . GLU A 1 48 ? -0.79363  8.50305   5.59726   1.000 51.36993 ?  111 GLU A C   1 
ATOM   366 O O   . GLU A 1 48 ? 0.07182   7.64128   5.78358   1.000 51.84232 ?  111 GLU A O   1 
ATOM   367 C CB  . GLU A 1 48 ? -3.15865  8.25758   6.39879   1.000 56.58746 ?  111 GLU A CB  1 
ATOM   368 C CG  . GLU A 1 48 ? -4.04797  8.05056   7.60922   1.000 53.20313 ?  111 GLU A CG  1 
ATOM   369 C CD  . GLU A 1 48 ? -5.47124  7.69720   7.22156   1.000 60.70685 ?  111 GLU A CD  1 
ATOM   370 O OE1 . GLU A 1 48 ? -6.03856  8.37494   6.33510   1.000 59.82332 ?  111 GLU A OE1 1 
ATOM   371 O OE2 . GLU A 1 48 ? -6.02439  6.73779   7.80006   1.000 68.34594 -1 111 GLU A OE2 1 
ATOM   372 N N   . LYS A 1 49 ? -0.90755  9.15982   4.43761   1.000 49.70706 ?  112 LYS A N   1 
ATOM   373 C CA  . LYS A 1 49 ? 0.03801   8.91779   3.35233   1.000 47.94947 ?  112 LYS A CA  1 
ATOM   374 C C   . LYS A 1 49 ? 1.46074   9.25191   3.77728   1.000 50.58657 ?  112 LYS A C   1 
ATOM   375 O O   . LYS A 1 49 ? 2.41120   8.56731   3.38106   1.000 48.58365 ?  112 LYS A O   1 
ATOM   376 C CB  . LYS A 1 49 ? -0.34994  9.73295   2.11677   1.000 44.02419 ?  112 LYS A CB  1 
ATOM   377 C CG  . LYS A 1 49 ? -1.68993  9.35520   1.51178   1.000 50.29966 ?  112 LYS A CG  1 
ATOM   378 C CD  . LYS A 1 49 ? -2.02319  10.22243  0.30967   1.000 53.46518 ?  112 LYS A CD  1 
ATOM   379 C CE  . LYS A 1 49 ? -3.40107  9.88932   -0.24155  1.000 51.90553 ?  112 LYS A CE  1 
ATOM   380 N NZ  . LYS A 1 49 ? -3.73196  10.72494  -1.42292  1.000 53.64055 ?  112 LYS A NZ  1 
ATOM   381 N N   . GLN A 1 50 ? 1.62732   10.30013  4.58910   1.000 53.29127 ?  113 GLN A N   1 
ATOM   382 C CA  . GLN A 1 50 ? 2.96574   10.69978  5.01120   1.000 52.31470 ?  113 GLN A CA  1 
ATOM   383 C C   . GLN A 1 50 ? 3.63171   9.61722   5.85007   1.000 50.33593 ?  113 GLN A C   1 
ATOM   384 O O   . GLN A 1 50 ? 4.85541   9.44885   5.78839   1.000 49.89019 ?  113 GLN A O   1 
ATOM   385 C CB  . GLN A 1 50 ? 2.89897   12.02144  5.78036   1.000 47.39720 ?  113 GLN A CB  1 
ATOM   386 C CG  . GLN A 1 50 ? 4.24997   12.59288  6.16504   1.000 48.51125 ?  113 GLN A CG  1 
ATOM   387 C CD  . GLN A 1 50 ? 5.16220   12.81347  4.97051   1.000 54.55134 ?  113 GLN A CD  1 
ATOM   388 O OE1 . GLN A 1 50 ? 4.75470   13.38445  3.95934   1.000 57.01528 ?  113 GLN A OE1 1 
ATOM   389 N NE2 . GLN A 1 50 ? 6.40575   12.35789  5.08342   1.000 54.79369 ?  113 GLN A NE2 1 
ATOM   390 N N   . GLU A 1 51 ? 2.84613   8.86520   6.62384   1.000 47.24884 ?  114 GLU A N   1 
ATOM   391 C CA  . GLU A 1 51 ? 3.40684   7.75118   7.38004   1.000 52.44965 ?  114 GLU A CA  1 
ATOM   392 C C   . GLU A 1 51 ? 4.02123   6.70959   6.45435   1.000 49.20786 ?  114 GLU A C   1 
ATOM   393 O O   . GLU A 1 51 ? 5.09897   6.17514   6.73844   1.000 50.85565 ?  114 GLU A O   1 
ATOM   394 C CB  . GLU A 1 51 ? 2.32889   7.11835   8.25714   1.000 57.92752 ?  114 GLU A CB  1 
ATOM   395 C CG  . GLU A 1 51 ? 1.62135   8.10318   9.16737   1.000 60.91602 ?  114 GLU A CG  1 
ATOM   396 C CD  . GLU A 1 51 ? 0.80331   7.41531   10.24064  1.000 73.42621 ?  114 GLU A CD  1 
ATOM   397 O OE1 . GLU A 1 51 ? 1.40350   6.76469   11.12449  1.000 70.21218 ?  114 GLU A OE1 1 
ATOM   398 O OE2 . GLU A 1 51 ? -0.44103  7.52560   10.19854  1.000 78.22525 -1 114 GLU A OE2 1 
ATOM   399 N N   . TYR A 1 52 ? 3.35022   6.40474   5.34144   1.000 49.37975 ?  115 TYR A N   1 
ATOM   400 C CA  . TYR A 1 52 ? 3.92276   5.47281   4.37626   1.000 46.51293 ?  115 TYR A CA  1 
ATOM   401 C C   . TYR A 1 52 ? 5.10565   6.08998   3.64453   1.000 47.52962 ?  115 TYR A C   1 
ATOM   402 O O   . TYR A 1 52 ? 6.07230   5.38832   3.32484   1.000 49.58921 ?  115 TYR A O   1 
ATOM   403 C CB  . TYR A 1 52 ? 2.85232   5.01449   3.38447   1.000 47.66571 ?  115 TYR A CB  1 
ATOM   404 C CG  . TYR A 1 52 ? 1.91445   3.97790   3.96068   1.000 47.33017 ?  115 TYR A CG  1 
ATOM   405 C CD1 . TYR A 1 52 ? 0.84218   4.35344   4.75664   1.000 46.60460 ?  115 TYR A CD1 1 
ATOM   406 C CD2 . TYR A 1 52 ? 2.11074   2.62318   3.72276   1.000 49.59922 ?  115 TYR A CD2 1 
ATOM   407 C CE1 . TYR A 1 52 ? -0.01168  3.41228   5.29557   1.000 48.23517 ?  115 TYR A CE1 1 
ATOM   408 C CE2 . TYR A 1 52 ? 1.25977   1.67319   4.25872   1.000 50.28941 ?  115 TYR A CE2 1 
ATOM   409 C CZ  . TYR A 1 52 ? 0.20075   2.07582   5.04452   1.000 48.77981 ?  115 TYR A CZ  1 
ATOM   410 O OH  . TYR A 1 52 ? -0.65311  1.14205   5.58198   1.000 50.91776 ?  115 TYR A OH  1 
ATOM   411 N N   . LEU A 1 53 ? 5.05440   7.39510   3.38049   1.000 49.40215 ?  116 LEU A N   1 
ATOM   412 C CA  . LEU A 1 53 ? 6.19536   8.06325   2.76707   1.000 50.61963 ?  116 LEU A CA  1 
ATOM   413 C C   . LEU A 1 53 ? 7.38156   8.10760   3.72088   1.000 51.52598 ?  116 LEU A C   1 
ATOM   414 O O   . LEU A 1 53 ? 8.53318   7.96669   3.29374   1.000 51.23566 ?  116 LEU A O   1 
ATOM   415 C CB  . LEU A 1 53 ? 5.80248   9.47123   2.32818   1.000 50.57027 ?  116 LEU A CB  1 
ATOM   416 C CG  . LEU A 1 53 ? 6.66546   10.11180  1.24259   1.000 60.02282 ?  116 LEU A CG  1 
ATOM   417 C CD1 . LEU A 1 53 ? 7.18939   9.06172   0.26961   1.000 61.24146 ?  116 LEU A CD1 1 
ATOM   418 C CD2 . LEU A 1 53 ? 5.87422   11.18317  0.50795   1.000 62.01268 ?  116 LEU A CD2 1 
ATOM   419 N N   . ASN A 1 54 ? 7.12056   8.30369   5.01593   1.000 51.06536 ?  117 ASN A N   1 
ATOM   420 C CA  . ASN A 1 54 ? 8.19310   8.24880   6.00405   1.000 48.05636 ?  117 ASN A CA  1 
ATOM   421 C C   . ASN A 1 54 ? 8.79519   6.85414   6.07001   1.000 50.05069 ?  117 ASN A C   1 
ATOM   422 O O   . ASN A 1 54 ? 10.02094  6.69170   6.06750   1.000 54.46017 ?  117 ASN A O   1 
ATOM   423 C CB  . ASN A 1 54 ? 7.66867   8.66089   7.37819   1.000 48.95909 ?  117 ASN A CB  1 
ATOM   424 C CG  . ASN A 1 54 ? 7.31279   10.12628  7.45230   1.000 50.56451 ?  117 ASN A CG  1 
ATOM   425 O OD1 . ASN A 1 54 ? 7.77470   10.93486  6.64502   1.000 49.24723 ?  117 ASN A OD1 1 
ATOM   426 N ND2 . ASN A 1 54 ? 6.48327   10.47989  8.42781   1.000 50.14044 ?  117 ASN A ND2 1 
ATOM   427 N N   . GLU A 1 55 ? 7.93867   5.83120   6.13007   1.000 52.99417 ?  118 GLU A N   1 
ATOM   428 C CA  . GLU A 1 55 ? 8.42071   4.45593   6.20017   1.000 56.61404 ?  118 GLU A CA  1 
ATOM   429 C C   . GLU A 1 55 ? 9.28777   4.11207   4.99752   1.000 54.25133 ?  118 GLU A C   1 
ATOM   430 O O   . GLU A 1 55 ? 10.35612  3.50852   5.14589   1.000 56.44509 ?  118 GLU A O   1 
ATOM   431 C CB  . GLU A 1 55 ? 7.23837   3.49291   6.30096   1.000 56.54911 ?  118 GLU A CB  1 
ATOM   432 C CG  . GLU A 1 55 ? 7.54941   2.20252   7.04327   1.000 60.01253 ?  118 GLU A CG  1 
ATOM   433 C CD  . GLU A 1 55 ? 8.21668   1.17356   6.15828   1.000 61.72029 ?  118 GLU A CD  1 
ATOM   434 O OE1 . GLU A 1 55 ? 8.54314   0.07494   6.65573   1.000 67.18309 ?  118 GLU A OE1 1 
ATOM   435 O OE2 . GLU A 1 55 ? 8.41292   1.46361   4.96065   1.000 63.03795 -1 118 GLU A OE2 1 
ATOM   436 N N   . TYR A 1 56 ? 8.84478   4.48416   3.79633   1.000 51.62607 ?  119 TYR A N   1 
ATOM   437 C CA  . TYR A 1 56 ? 9.66046   4.23474   2.61574   1.000 50.97699 ?  119 TYR A CA  1 
ATOM   438 C C   . TYR A 1 56 ? 10.94923  5.04357   2.66239   1.000 57.63929 ?  119 TYR A C   1 
ATOM   439 O O   . TYR A 1 56 ? 12.00164  4.57210   2.21554   1.000 59.18923 ?  119 TYR A O   1 
ATOM   440 C CB  . TYR A 1 56 ? 8.87103   4.55647   1.35027   1.000 52.72700 ?  119 TYR A CB  1 
ATOM   441 C CG  . TYR A 1 56 ? 9.74757   4.71507   0.13381   1.000 55.49162 ?  119 TYR A CG  1 
ATOM   442 C CD1 . TYR A 1 56 ? 10.33365  3.60958   -0.47125  1.000 52.19717 ?  119 TYR A CD1 1 
ATOM   443 C CD2 . TYR A 1 56 ? 10.00060  5.97042   -0.40359  1.000 55.07629 ?  119 TYR A CD2 1 
ATOM   444 C CE1 . TYR A 1 56 ? 11.14080  3.74877   -1.57995  1.000 54.59060 ?  119 TYR A CE1 1 
ATOM   445 C CE2 . TYR A 1 56 ? 10.80980  6.12093   -1.51360  1.000 59.21274 ?  119 TYR A CE2 1 
ATOM   446 C CZ  . TYR A 1 56 ? 11.37663  5.00679   -2.09719  1.000 62.47370 ?  119 TYR A CZ  1 
ATOM   447 O OH  . TYR A 1 56 ? 12.18214  5.15457   -3.20183  1.000 63.13937 ?  119 TYR A OH  1 
ATOM   448 N N   . GLU A 1 57 ? 10.88551  6.26499   3.19807   1.000 56.29201 ?  120 GLU A N   1 
ATOM   449 C CA  . GLU A 1 57 ? 12.09063  7.07675   3.33135   1.000 54.89456 ?  120 GLU A CA  1 
ATOM   450 C C   . GLU A 1 57 ? 13.09488  6.41229   4.26480   1.000 53.47927 ?  120 GLU A C   1 
ATOM   451 O O   . GLU A 1 57 ? 14.29461  6.36826   3.96901   1.000 53.38647 ?  120 GLU A O   1 
ATOM   452 C CB  . GLU A 1 57 ? 11.72468  8.47767   3.82655   1.000 54.15791 ?  120 GLU A CB  1 
ATOM   453 C CG  . GLU A 1 57 ? 12.91377  9.38298   4.08845   1.000 57.07328 ?  120 GLU A CG  1 
ATOM   454 C CD  . GLU A 1 57 ? 13.62215  9.80480   2.81627   1.000 62.44156 ?  120 GLU A CD  1 
ATOM   455 O OE1 . GLU A 1 57 ? 12.94461  9.96933   1.77901   1.000 66.44531 ?  120 GLU A OE1 1 
ATOM   456 O OE2 . GLU A 1 57 ? 14.86037  9.96596   2.85425   1.000 62.75045 -1 120 GLU A OE2 1 
ATOM   457 N N   . ALA A 1 58 ? 12.62191  5.87856   5.39325   1.000 54.08463 ?  121 ALA A N   1 
ATOM   458 C CA  . ALA A 1 58 ? 13.50381  5.11398   6.26924   1.000 54.10471 ?  121 ALA A CA  1 
ATOM   459 C C   . ALA A 1 58 ? 13.97469  3.83645   5.58964   1.000 60.38478 ?  121 ALA A C   1 
ATOM   460 O O   . ALA A 1 58 ? 15.12340  3.41646   5.77035   1.000 60.62060 ?  121 ALA A O   1 
ATOM   461 C CB  . ALA A 1 58 ? 12.79514  4.78940   7.58306   1.000 49.48421 ?  121 ALA A CB  1 
ATOM   462 N N   . GLU A 1 59 ? 13.10016  3.20788   4.80083   1.000 61.42581 ?  122 GLU A N   1 
ATOM   463 C CA  . GLU A 1 59 ? 13.48072  1.99597   4.08303   1.000 63.38695 ?  122 GLU A CA  1 
ATOM   464 C C   . GLU A 1 59 ? 14.54336  2.28817   3.03073   1.000 62.85006 ?  122 GLU A C   1 
ATOM   465 O O   . GLU A 1 59 ? 15.46965  1.49201   2.83657   1.000 63.81035 ?  122 GLU A O   1 
ATOM   466 C CB  . GLU A 1 59 ? 12.24617  1.36987   3.43965   1.000 61.17329 ?  122 GLU A CB  1 
ATOM   467 C CG  . GLU A 1 59 ? 12.25094  -0.14208  3.40491   1.000 66.85008 ?  122 GLU A CG  1 
ATOM   468 C CD  . GLU A 1 59 ? 10.85400  -0.71202  3.27330   1.000 71.17087 ?  122 GLU A CD  1 
ATOM   469 O OE1 . GLU A 1 59 ? 9.99315   -0.36065  4.10574   1.000 63.02260 ?  122 GLU A OE1 1 
ATOM   470 O OE2 . GLU A 1 59 ? 10.61377  -1.50295  2.33524   1.000 76.10216 -1 122 GLU A OE2 1 
ATOM   471 N N   . LYS A 1 60 ? 14.42530  3.42817   2.34584   1.000 59.40404 ?  123 LYS A N   1 
ATOM   472 C CA  . LYS A 1 60 ? 15.40405  3.79525   1.32796   1.000 61.07317 ?  123 LYS A CA  1 
ATOM   473 C C   . LYS A 1 60 ? 16.77262  4.05745   1.94336   1.000 66.59998 ?  123 LYS A C   1 
ATOM   474 O O   . LYS A 1 60 ? 17.80000  3.65721   1.38295   1.000 69.97560 ?  123 LYS A O   1 
ATOM   475 C CB  . LYS A 1 60 ? 14.91844  5.02538   0.55980   1.000 59.76717 ?  123 LYS A CB  1 
ATOM   476 C CG  . LYS A 1 60 ? 15.96075  5.63648   -0.36208  1.000 66.77299 ?  123 LYS A CG  1 
ATOM   477 C CD  . LYS A 1 60 ? 15.70435  7.11990   -0.59658  1.000 68.48613 ?  123 LYS A CD  1 
ATOM   478 C CE  . LYS A 1 60 ? 14.35808  7.35861   -1.26190  1.000 68.91541 ?  123 LYS A CE  1 
ATOM   479 N NZ  . LYS A 1 60 ? 14.10933  8.80795   -1.51199  1.000 74.55747 ?  123 LYS A NZ  1 
ATOM   480 N N   . ILE A 1 61 ? 16.80649  4.73293   3.09522   1.000 66.46896 ?  124 ILE A N   1 
ATOM   481 C CA  . ILE A 1 61 ? 18.07925  5.04441   3.74022   1.000 60.76335 ?  124 ILE A CA  1 
ATOM   482 C C   . ILE A 1 61 ? 18.80446  3.76474   4.13153   1.000 62.72071 ?  124 ILE A C   1 
ATOM   483 O O   . ILE A 1 61 ? 20.01624  3.62977   3.92019   1.000 67.37112 ?  124 ILE A O   1 
ATOM   484 C CB  . ILE A 1 61 ? 17.85097  5.96075   4.95685   1.000 56.42351 ?  124 ILE A CB  1 
ATOM   485 C CG1 . ILE A 1 61 ? 17.34925  7.33630   4.50812   1.000 53.75570 ?  124 ILE A CG1 1 
ATOM   486 C CG2 . ILE A 1 61 ? 19.12453  6.08409   5.78428   1.000 54.99136 ?  124 ILE A CG2 1 
ATOM   487 C CD1 . ILE A 1 61 ? 18.32046  8.09540   3.63331   1.000 52.57060 ?  124 ILE A CD1 1 
ATOM   488 N N   . GLU A 1 62 ? 18.07430  2.79972   4.69306   1.000 62.08387 ?  125 GLU A N   1 
ATOM   489 C CA  . GLU A 1 62 ? 18.70040  1.55907   5.14067   1.000 69.36745 ?  125 GLU A CA  1 
ATOM   490 C C   . GLU A 1 62 ? 19.27449  0.77199   3.96781   1.000 72.67775 ?  125 GLU A C   1 
ATOM   491 O O   . GLU A 1 62 ? 20.42529  0.32140   4.01226   1.000 74.02094 ?  125 GLU A O   1 
ATOM   492 C CB  . GLU A 1 62 ? 17.68792  0.71072   5.90927   1.000 59.88654 ?  125 GLU A CB  1 
ATOM   493 C CG  . GLU A 1 62 ? 17.10094  1.39361   7.12691   1.000 60.41623 ?  125 GLU A CG  1 
ATOM   494 C CD  . GLU A 1 62 ? 15.69781  0.90898   7.43974   1.000 66.66420 ?  125 GLU A CD  1 
ATOM   495 O OE1 . GLU A 1 62 ? 15.28925  -0.12454  6.87053   1.000 72.99247 ?  125 GLU A OE1 1 
ATOM   496 O OE2 . GLU A 1 62 ? 15.00098  1.55997   8.24789   1.000 63.35218 -1 125 GLU A OE2 1 
ATOM   497 N N   . TYR A 1 63 ? 18.48251  0.59456   2.90839   1.000 73.56515 ?  126 TYR A N   1 
ATOM   498 C CA  . TYR A 1 63 ? 18.93110  -0.20460  1.77258   1.000 76.45851 ?  126 TYR A CA  1 
ATOM   499 C C   . TYR A 1 63 ? 20.12948  0.43429   1.08228   1.000 79.34938 ?  126 TYR A C   1 
ATOM   500 O O   . TYR A 1 63 ? 21.09381  -0.25661  0.73108   1.000 79.78564 ?  126 TYR A O   1 
ATOM   501 C CB  . TYR A 1 63 ? 17.77942  -0.39562  0.78626   1.000 76.51967 ?  126 TYR A CB  1 
ATOM   502 C CG  . TYR A 1 63 ? 18.19384  -0.94293  -0.56046  1.000 76.87074 ?  126 TYR A CG  1 
ATOM   503 C CD1 . TYR A 1 63 ? 18.42471  -2.29927  -0.73802  1.000 76.11450 ?  126 TYR A CD1 1 
ATOM   504 C CD2 . TYR A 1 63 ? 18.34704  -0.10240  -1.65681  1.000 77.62257 ?  126 TYR A CD2 1 
ATOM   505 C CE1 . TYR A 1 63 ? 18.79976  -2.80404  -1.96950  1.000 80.61781 ?  126 TYR A CE1 1 
ATOM   506 C CE2 . TYR A 1 63 ? 18.72321  -0.59638  -2.89003  1.000 77.95644 ?  126 TYR A CE2 1 
ATOM   507 C CZ  . TYR A 1 63 ? 18.94748  -1.94715  -3.04139  1.000 81.26655 ?  126 TYR A CZ  1 
ATOM   508 O OH  . TYR A 1 63 ? 19.32074  -2.44057  -4.27019  1.000 87.59723 ?  126 TYR A OH  1 
ATOM   509 N N   . ASN A 1 64 ? 20.08945  1.75351   0.87949   1.000 76.07087 ?  127 ASN A N   1 
ATOM   510 C CA  . ASN A 1 64 ? 21.19967  2.43007   0.21989   1.000 77.87881 ?  127 ASN A CA  1 
ATOM   511 C C   . ASN A 1 64 ? 22.48204  2.34079   1.03461   1.000 82.26598 ?  127 ASN A C   1 
ATOM   512 O O   . ASN A 1 64 ? 23.57469  2.39378   0.46063   1.000 84.67857 ?  127 ASN A O   1 
ATOM   513 C CB  . ASN A 1 64 ? 20.84336  3.89366   -0.05656  1.000 76.53103 ?  127 ASN A CB  1 
ATOM   514 C CG  . ASN A 1 64 ? 19.77154  4.04668   -1.13232  1.000 86.21786 ?  127 ASN A CG  1 
ATOM   515 O OD1 . ASN A 1 64 ? 19.58952  5.12853   -1.69093  1.000 88.22731 ?  127 ASN A OD1 1 
ATOM   516 N ND2 . ASN A 1 64 ? 19.06132  2.96245   -1.42748  1.000 84.12872 ?  127 ASN A ND2 1 
ATOM   517 N N   . GLU A 1 65 ? 22.37462  2.19393   2.35691   1.000 80.07262 ?  128 GLU A N   1 
ATOM   518 C CA  . GLU A 1 65 ? 23.52575  1.96254   3.22082   1.000 79.27556 ?  128 GLU A CA  1 
ATOM   519 C C   . GLU A 1 65 ? 23.89570  0.48347   3.30609   1.000 80.61405 ?  128 GLU A C   1 
ATOM   520 O O   . GLU A 1 65 ? 24.35020  0.01253   4.35746   1.000 86.99620 ?  128 GLU A O   1 
ATOM   521 C CB  . GLU A 1 65 ? 23.25616  2.54016   4.61298   1.000 81.41511 ?  128 GLU A CB  1 
ATOM   522 C CG  . GLU A 1 65 ? 24.50795  2.89413   5.41421   1.000 87.89731 ?  128 GLU A CG  1 
ATOM   523 C CD  . GLU A 1 65 ? 25.54645  3.63765   4.59229   1.000 94.67802 ?  128 GLU A CD  1 
ATOM   524 O OE1 . GLU A 1 65 ? 25.30273  4.81209   4.24137   1.000 92.70170 ?  128 GLU A OE1 1 
ATOM   525 O OE2 . GLU A 1 65 ? 26.60846  3.04697   4.30062   1.000 96.55912 -1 128 GLU A OE2 1 
ATOM   526 N N   . SER A 1 66 ? 23.70494  -0.26314  2.22397   1.000 80.60055 ?  129 SER A N   1 
ATOM   527 C CA  . SER A 1 66 ? 24.05323  -1.67593  2.19058   1.000 78.92619 ?  129 SER A CA  1 
ATOM   528 C C   . SER A 1 66 ? 24.38987  -2.10383  0.76453   1.000 78.81902 ?  129 SER A C   1 
ATOM   529 O O   . SER A 1 66 ? 24.41602  -1.27860  -0.15307  1.000 75.74660 ?  129 SER A O   1 
ATOM   530 C CB  . SER A 1 66 ? 22.90936  -2.52357  2.75132   1.000 80.01079 ?  129 SER A CB  1 
ATOM   531 O OG  . SER A 1 66 ? 21.69846  -2.27625  2.05583   1.000 77.87142 ?  129 SER A OG  1 
HETATM 532 S S   . SO4 B 2 .  ? -8.41794  13.68204  -5.77671  1.000 92.68041 ?  201 SO4 A S   1 
HETATM 533 O O1  . SO4 B 2 .  ? -9.65562  13.11145  -5.25042  1.000 83.16201 ?  201 SO4 A O1  1 
HETATM 534 O O2  . SO4 B 2 .  ? -7.27529  12.94649  -5.23951  1.000 82.71513 ?  201 SO4 A O2  1 
HETATM 535 O O3  . SO4 B 2 .  ? -8.32036  15.08737  -5.38915  1.000 97.17890 -1 201 SO4 A O3  1 
HETATM 536 O O4  . SO4 B 2 .  ? -8.42292  13.58329  -7.23350  1.000 86.63081 ?  201 SO4 A O4  1 
HETATM 537 S S   . SO4 C 2 .  ? -7.90473  -11.93103 -12.70792 1.000 53.29845 ?  202 SO4 A S   1 
HETATM 538 O O1  . SO4 C 2 .  ? -9.09657  -12.23250 -13.49714 1.000 55.87262 ?  202 SO4 A O1  1 
HETATM 539 O O2  . SO4 C 2 .  ? -8.19184  -12.12397 -11.29067 1.000 57.31485 ?  202 SO4 A O2  1 
HETATM 540 O O3  . SO4 C 2 .  ? -7.52112  -10.54265 -12.93895 1.000 60.44130 -1 202 SO4 A O3  1 
HETATM 541 O O4  . SO4 C 2 .  ? -6.80677  -12.81282 -13.09693 1.000 55.21932 ?  202 SO4 A O4  1 
HETATM 542 O O   . HOH D 3 .  ? -7.03671  2.04052   4.81020   1.000 47.12318 ?  301 HOH A O   1 
HETATM 543 O O   . HOH D 3 .  ? 6.43457   13.25218  9.01097   1.000 40.24477 ?  302 HOH A O   1 
HETATM 544 O O   . HOH D 3 .  ? -1.66606  17.87423  -0.14377  1.000 65.89632 ?  303 HOH A O   1 
HETATM 545 O O   . HOH D 3 .  ? -2.45326  13.94324  -1.18694  1.000 66.01288 ?  304 HOH A O   1 
HETATM 546 O O   . HOH D 3 .  ? -11.23466 -8.85327  9.90408   1.000 46.76174 ?  305 HOH A O   1 
HETATM 547 O O   . HOH D 3 .  ? -13.00372 2.51984   -12.11839 0.50  64.69573 ?  306 HOH A O   1 
HETATM 548 O O   . HOH D 3 .  ? -2.19934  5.37754   12.11132  1.000 66.31463 ?  307 HOH A O   1 
HETATM 549 O O   . HOH D 3 .  ? -6.15344  15.53898  4.34932   1.000 63.00118 ?  308 HOH A O   1 
HETATM 550 O O   . HOH D 3 .  ? 1.07861   13.57931  1.42809   1.000 54.71642 ?  309 HOH A O   1 
HETATM 551 O O   . HOH D 3 .  ? -0.73001  19.21637  2.94094   1.000 72.47683 ?  310 HOH A O   1 
HETATM 552 O O   . HOH D 3 .  ? -9.48865  12.37677  1.35241   1.000 64.45642 ?  311 HOH A O   1 
HETATM 553 O O   . HOH D 3 .  ? -14.92585 11.30106  -9.00463  1.000 55.54310 ?  312 HOH A O   1 
HETATM 554 O O   . HOH D 3 .  ? -6.43464  13.39974  -1.00935  1.000 72.84052 ?  313 HOH A O   1 
HETATM 555 O O   . HOH D 3 .  ? -7.74256  -14.05965 -5.89777  1.000 60.40659 ?  314 HOH A O   1 
HETATM 556 O O   . HOH D 3 .  ? -9.16349  14.69168  8.56038   1.000 56.84623 ?  315 HOH A O   1 
HETATM 557 O O   . HOH D 3 .  ? -6.39229  18.31794  6.08362   1.000 57.86691 ?  316 HOH A O   1 
# 
loop_
_pdbx_poly_seq_scheme.asym_id 
_pdbx_poly_seq_scheme.entity_id 
_pdbx_poly_seq_scheme.seq_id 
_pdbx_poly_seq_scheme.mon_id 
_pdbx_poly_seq_scheme.ndb_seq_num 
_pdbx_poly_seq_scheme.pdb_seq_num 
_pdbx_poly_seq_scheme.auth_seq_num 
_pdbx_poly_seq_scheme.pdb_mon_id 
_pdbx_poly_seq_scheme.auth_mon_id 
_pdbx_poly_seq_scheme.pdb_strand_id 
_pdbx_poly_seq_scheme.pdb_ins_code 
_pdbx_poly_seq_scheme.hetero 
A 1 1  GLY 1  64  ?   ?   ?   A . n 
A 1 2  SER 2  65  ?   ?   ?   A . n 
A 1 3  PRO 3  66  ?   ?   ?   A . n 
A 1 4  ASP 4  67  ?   ?   ?   A . n 
A 1 5  LYS 5  68  68  LYS LYS A . n 
A 1 6  PRO 6  69  69  PRO PRO A . n 
A 1 7  LEU 7  70  70  LEU LEU A . n 
A 1 8  MET 8  71  71  MET MET A . n 
A 1 9  PRO 9  72  72  PRO PRO A . n 
A 1 10 TYR 10 73  73  TYR TYR A . n 
A 1 11 MET 11 74  74  MET MET A . n 
A 1 12 ARG 12 75  75  ARG ARG A . n 
A 1 13 TYR 13 76  76  TYR TYR A . n 
A 1 14 SER 14 77  77  SER SER A . n 
A 1 15 ARG 15 78  78  ARG ARG A . n 
A 1 16 LYS 16 79  79  LYS LYS A . n 
A 1 17 VAL 17 80  80  VAL VAL A . n 
A 1 18 TRP 18 81  81  TRP TRP A . n 
A 1 19 ASP 19 82  82  ASP ASP A . n 
A 1 20 GLN 20 83  83  GLN GLN A . n 
A 1 21 VAL 21 84  84  VAL VAL A . n 
A 1 22 LYS 22 85  85  LYS LYS A . n 
A 1 23 ALA 23 86  86  ALA ALA A . n 
A 1 24 SER 24 87  87  SER SER A . n 
A 1 25 ASN 25 88  88  ASN ASN A . n 
A 1 26 PRO 26 89  89  PRO PRO A . n 
A 1 27 ASP 27 90  90  ASP ASP A . n 
A 1 28 LEU 28 91  91  LEU LEU A . n 
A 1 29 LYS 29 92  92  LYS LYS A . n 
A 1 30 LEU 30 93  93  LEU LEU A . n 
A 1 31 TRP 31 94  94  TRP TRP A . n 
A 1 32 GLU 32 95  95  GLU GLU A . n 
A 1 33 ILE 33 96  96  ILE ILE A . n 
A 1 34 GLY 34 97  97  GLY GLY A . n 
A 1 35 LYS 35 98  98  LYS LYS A . n 
A 1 36 ILE 36 99  99  ILE ILE A . n 
A 1 37 ILE 37 100 100 ILE ILE A . n 
A 1 38 GLY 38 101 101 GLY GLY A . n 
A 1 39 GLY 39 102 102 GLY GLY A . n 
A 1 40 MET 40 103 103 MET MET A . n 
A 1 41 TRP 41 104 104 TRP TRP A . n 
A 1 42 ARG 42 105 105 ARG ARG A . n 
A 1 43 ASP 43 106 106 ASP ASP A . n 
A 1 44 LEU 44 107 107 LEU LEU A . n 
A 1 45 THR 45 108 108 THR THR A . n 
A 1 46 ASP 46 109 109 ASP ASP A . n 
A 1 47 GLU 47 110 110 GLU GLU A . n 
A 1 48 GLU 48 111 111 GLU GLU A . n 
A 1 49 LYS 49 112 112 LYS LYS A . n 
A 1 50 GLN 50 113 113 GLN GLN A . n 
A 1 51 GLU 51 114 114 GLU GLU A . n 
A 1 52 TYR 52 115 115 TYR TYR A . n 
A 1 53 LEU 53 116 116 LEU LEU A . n 
A 1 54 ASN 54 117 117 ASN ASN A . n 
A 1 55 GLU 55 118 118 GLU GLU A . n 
A 1 56 TYR 56 119 119 TYR TYR A . n 
A 1 57 GLU 57 120 120 GLU GLU A . n 
A 1 58 ALA 58 121 121 ALA ALA A . n 
A 1 59 GLU 59 122 122 GLU GLU A . n 
A 1 60 LYS 60 123 123 LYS LYS A . n 
A 1 61 ILE 61 124 124 ILE ILE A . n 
A 1 62 GLU 62 125 125 GLU GLU A . n 
A 1 63 TYR 63 126 126 TYR TYR A . n 
A 1 64 ASN 64 127 127 ASN ASN A . n 
A 1 65 GLU 65 128 128 GLU GLU A . n 
A 1 66 SER 66 129 129 SER SER A . n 
A 1 67 MET 67 130 ?   ?   ?   A . n 
A 1 68 LYS 68 131 ?   ?   ?   A . n 
A 1 69 ALA 69 132 ?   ?   ?   A . n 
A 1 70 TYR 70 133 ?   ?   ?   A . n 
A 1 71 HIS 71 134 ?   ?   ?   A . n 
# 
loop_
_pdbx_nonpoly_scheme.asym_id 
_pdbx_nonpoly_scheme.entity_id 
_pdbx_nonpoly_scheme.mon_id 
_pdbx_nonpoly_scheme.ndb_seq_num 
_pdbx_nonpoly_scheme.pdb_seq_num 
_pdbx_nonpoly_scheme.auth_seq_num 
_pdbx_nonpoly_scheme.pdb_mon_id 
_pdbx_nonpoly_scheme.auth_mon_id 
_pdbx_nonpoly_scheme.pdb_strand_id 
_pdbx_nonpoly_scheme.pdb_ins_code 
B 2 SO4 1  201 130 SO4 SO4 A . 
C 2 SO4 1  202 131 SO4 SO4 A . 
D 3 HOH 1  301 135 HOH HOH A . 
D 3 HOH 2  302 134 HOH HOH A . 
D 3 HOH 3  303 140 HOH HOH A . 
D 3 HOH 4  304 146 HOH HOH A . 
D 3 HOH 5  305 136 HOH HOH A . 
D 3 HOH 6  306 147 HOH HOH A . 
D 3 HOH 7  307 144 HOH HOH A . 
D 3 HOH 8  308 143 HOH HOH A . 
D 3 HOH 9  309 137 HOH HOH A . 
D 3 HOH 10 310 145 HOH HOH A . 
D 3 HOH 11 311 139 HOH HOH A . 
D 3 HOH 12 312 133 HOH HOH A . 
D 3 HOH 13 313 138 HOH HOH A . 
D 3 HOH 14 314 132 HOH HOH A . 
D 3 HOH 15 315 142 HOH HOH A . 
D 3 HOH 16 316 141 HOH HOH A . 
# 
_pdbx_struct_assembly.id                   1 
_pdbx_struct_assembly.details              author_and_software_defined_assembly 
_pdbx_struct_assembly.method_details       PISA 
_pdbx_struct_assembly.oligomeric_details   monomeric 
_pdbx_struct_assembly.oligomeric_count     1 
# 
_pdbx_struct_assembly_gen.assembly_id       1 
_pdbx_struct_assembly_gen.oper_expression   1 
_pdbx_struct_assembly_gen.asym_id_list      A,B,C,D 
# 
loop_
_pdbx_struct_assembly_prop.biol_id 
_pdbx_struct_assembly_prop.type 
_pdbx_struct_assembly_prop.value 
_pdbx_struct_assembly_prop.details 
1 'ABSA (A^2)' 170  ? 
1 MORE         -13  ? 
1 'SSA (A^2)'  5040 ? 
# 
_pdbx_struct_oper_list.id                   1 
_pdbx_struct_oper_list.type                 'identity operation' 
_pdbx_struct_oper_list.name                 1_555 
_pdbx_struct_oper_list.symmetry_operation   x,y,z 
_pdbx_struct_oper_list.matrix[1][1]         1.0000000000 
_pdbx_struct_oper_list.matrix[1][2]         0.0000000000 
_pdbx_struct_oper_list.matrix[1][3]         0.0000000000 
_pdbx_struct_oper_list.vector[1]            0.0000000000 
_pdbx_struct_oper_list.matrix[2][1]         0.0000000000 
_pdbx_struct_oper_list.matrix[2][2]         1.0000000000 
_pdbx_struct_oper_list.matrix[2][3]         0.0000000000 
_pdbx_struct_oper_list.vector[2]            0.0000000000 
_pdbx_struct_oper_list.matrix[3][1]         0.0000000000 
_pdbx_struct_oper_list.matrix[3][2]         0.0000000000 
_pdbx_struct_oper_list.matrix[3][3]         1.0000000000 
_pdbx_struct_oper_list.vector[3]            0.0000000000 
# 
_pdbx_struct_special_symmetry.id              1 
_pdbx_struct_special_symmetry.PDB_model_num   1 
_pdbx_struct_special_symmetry.auth_asym_id    A 
_pdbx_struct_special_symmetry.auth_comp_id    HOH 
_pdbx_struct_special_symmetry.auth_seq_id     306 
_pdbx_struct_special_symmetry.PDB_ins_code    ? 
_pdbx_struct_special_symmetry.label_asym_id   D 
_pdbx_struct_special_symmetry.label_comp_id   HOH 
_pdbx_struct_special_symmetry.label_seq_id    . 
# 
loop_
_pdbx_audit_revision_history.ordinal 
_pdbx_audit_revision_history.data_content_type 
_pdbx_audit_revision_history.major_revision 
_pdbx_audit_revision_history.minor_revision 
_pdbx_audit_revision_history.revision_date 
1 'Structure model' 1 0 2020-10-14 
2 'Structure model' 1 1 2020-12-30 
3 'Structure model' 1 2 2023-11-29 
# 
_pdbx_audit_revision_details.ordinal             1 
_pdbx_audit_revision_details.revision_ordinal    1 
_pdbx_audit_revision_details.data_content_type   'Structure model' 
_pdbx_audit_revision_details.provider            repository 
_pdbx_audit_revision_details.type                'Initial release' 
_pdbx_audit_revision_details.description         ? 
_pdbx_audit_revision_details.details             ? 
# 
loop_
_pdbx_audit_revision_group.ordinal 
_pdbx_audit_revision_group.revision_ordinal 
_pdbx_audit_revision_group.data_content_type 
_pdbx_audit_revision_group.group 
1 2 'Structure model' 'Database references'    
2 3 'Structure model' 'Data collection'        
3 3 'Structure model' 'Database references'    
4 3 'Structure model' 'Refinement description' 
# 
loop_
_pdbx_audit_revision_category.ordinal 
_pdbx_audit_revision_category.revision_ordinal 
_pdbx_audit_revision_category.data_content_type 
_pdbx_audit_revision_category.category 
1 2 'Structure model' citation                      
2 3 'Structure model' chem_comp_atom                
3 3 'Structure model' chem_comp_bond                
4 3 'Structure model' database_2                    
5 3 'Structure model' pdbx_initial_refinement_model 
# 
loop_
_pdbx_audit_revision_item.ordinal 
_pdbx_audit_revision_item.revision_ordinal 
_pdbx_audit_revision_item.data_content_type 
_pdbx_audit_revision_item.item 
1 2 'Structure model' '_citation.journal_volume'            
2 2 'Structure model' '_citation.page_first'                
3 2 'Structure model' '_citation.page_last'                 
4 3 'Structure model' '_database_2.pdbx_DOI'                
5 3 'Structure model' '_database_2.pdbx_database_accession' 
# 
loop_
_space_group_symop.id 
_space_group_symop.operation_xyz 
1 x,y,z          
2 -y,x-y,z+2/3   
3 -x+y,-x,z+1/3  
4 x-y,-y,-z+1/3  
5 -x,-x+y,-z+2/3 
6 y,x,-z         
# 
loop_
_software.citation_id 
_software.classification 
_software.compiler_name 
_software.compiler_version 
_software.contact_author 
_software.contact_author_email 
_software.date 
_software.description 
_software.dependencies 
_software.hardware 
_software.language 
_software.location 
_software.mods 
_software.name 
_software.os 
_software.os_version 
_software.type 
_software.version 
_software.pdbx_ordinal 
? refinement       ? ? ? ? ? ? ? ? ? ? ? PHENIX   ? ? ? 1.14_3260 1 
? 'data reduction' ? ? ? ? ? ? ? ? ? ? ? HKL-2000 ? ? ? .         2 
? 'data scaling'   ? ? ? ? ? ? ? ? ? ? ? HKL-2000 ? ? ? .         3 
? phasing          ? ? ? ? ? ? ? ? ? ? ? PHENIX   ? ? ? .         4 
# 
_pdbx_entry_details.entry_id                 7CYU 
_pdbx_entry_details.has_ligand_of_interest   N 
_pdbx_entry_details.compound_details         ? 
_pdbx_entry_details.source_details           ? 
_pdbx_entry_details.nonpolymer_details       ? 
_pdbx_entry_details.sequence_details         ? 
# 
loop_
_pdbx_validate_torsion.id 
_pdbx_validate_torsion.PDB_model_num 
_pdbx_validate_torsion.auth_comp_id 
_pdbx_validate_torsion.auth_asym_id 
_pdbx_validate_torsion.auth_seq_id 
_pdbx_validate_torsion.PDB_ins_code 
_pdbx_validate_torsion.label_alt_id 
_pdbx_validate_torsion.phi 
_pdbx_validate_torsion.psi 
1 1 ASN A 88  ? ? -171.40 89.49 
2 1 GLU A 128 ? ? -85.42  33.67 
# 
loop_
_pdbx_unobs_or_zero_occ_residues.id 
_pdbx_unobs_or_zero_occ_residues.PDB_model_num 
_pdbx_unobs_or_zero_occ_residues.polymer_flag 
_pdbx_unobs_or_zero_occ_residues.occupancy_flag 
_pdbx_unobs_or_zero_occ_residues.auth_asym_id 
_pdbx_unobs_or_zero_occ_residues.auth_comp_id 
_pdbx_unobs_or_zero_occ_residues.auth_seq_id 
_pdbx_unobs_or_zero_occ_residues.PDB_ins_code 
_pdbx_unobs_or_zero_occ_residues.label_asym_id 
_pdbx_unobs_or_zero_occ_residues.label_comp_id 
_pdbx_unobs_or_zero_occ_residues.label_seq_id 
1 1 Y 1 A GLY 64  ? A GLY 1  
2 1 Y 1 A SER 65  ? A SER 2  
3 1 Y 1 A PRO 66  ? A PRO 3  
4 1 Y 1 A ASP 67  ? A ASP 4  
5 1 Y 1 A MET 130 ? A MET 67 
6 1 Y 1 A LYS 131 ? A LYS 68 
7 1 Y 1 A ALA 132 ? A ALA 69 
8 1 Y 1 A TYR 133 ? A TYR 70 
9 1 Y 1 A HIS 134 ? A HIS 71 
# 
loop_
_chem_comp_atom.comp_id 
_chem_comp_atom.atom_id 
_chem_comp_atom.type_symbol 
_chem_comp_atom.pdbx_aromatic_flag 
_chem_comp_atom.pdbx_stereo_config 
_chem_comp_atom.pdbx_ordinal 
ALA N    N N N 1   
ALA CA   C N S 2   
ALA C    C N N 3   
ALA O    O N N 4   
ALA CB   C N N 5   
ALA OXT  O N N 6   
ALA H    H N N 7   
ALA H2   H N N 8   
ALA HA   H N N 9   
ALA HB1  H N N 10  
ALA HB2  H N N 11  
ALA HB3  H N N 12  
ALA HXT  H N N 13  
ARG N    N N N 14  
ARG CA   C N S 15  
ARG C    C N N 16  
ARG O    O N N 17  
ARG CB   C N N 18  
ARG CG   C N N 19  
ARG CD   C N N 20  
ARG NE   N N N 21  
ARG CZ   C N N 22  
ARG NH1  N N N 23  
ARG NH2  N N N 24  
ARG OXT  O N N 25  
ARG H    H N N 26  
ARG H2   H N N 27  
ARG HA   H N N 28  
ARG HB2  H N N 29  
ARG HB3  H N N 30  
ARG HG2  H N N 31  
ARG HG3  H N N 32  
ARG HD2  H N N 33  
ARG HD3  H N N 34  
ARG HE   H N N 35  
ARG HH11 H N N 36  
ARG HH12 H N N 37  
ARG HH21 H N N 38  
ARG HH22 H N N 39  
ARG HXT  H N N 40  
ASN N    N N N 41  
ASN CA   C N S 42  
ASN C    C N N 43  
ASN O    O N N 44  
ASN CB   C N N 45  
ASN CG   C N N 46  
ASN OD1  O N N 47  
ASN ND2  N N N 48  
ASN OXT  O N N 49  
ASN H    H N N 50  
ASN H2   H N N 51  
ASN HA   H N N 52  
ASN HB2  H N N 53  
ASN HB3  H N N 54  
ASN HD21 H N N 55  
ASN HD22 H N N 56  
ASN HXT  H N N 57  
ASP N    N N N 58  
ASP CA   C N S 59  
ASP C    C N N 60  
ASP O    O N N 61  
ASP CB   C N N 62  
ASP CG   C N N 63  
ASP OD1  O N N 64  
ASP OD2  O N N 65  
ASP OXT  O N N 66  
ASP H    H N N 67  
ASP H2   H N N 68  
ASP HA   H N N 69  
ASP HB2  H N N 70  
ASP HB3  H N N 71  
ASP HD2  H N N 72  
ASP HXT  H N N 73  
GLN N    N N N 74  
GLN CA   C N S 75  
GLN C    C N N 76  
GLN O    O N N 77  
GLN CB   C N N 78  
GLN CG   C N N 79  
GLN CD   C N N 80  
GLN OE1  O N N 81  
GLN NE2  N N N 82  
GLN OXT  O N N 83  
GLN H    H N N 84  
GLN H2   H N N 85  
GLN HA   H N N 86  
GLN HB2  H N N 87  
GLN HB3  H N N 88  
GLN HG2  H N N 89  
GLN HG3  H N N 90  
GLN HE21 H N N 91  
GLN HE22 H N N 92  
GLN HXT  H N N 93  
GLU N    N N N 94  
GLU CA   C N S 95  
GLU C    C N N 96  
GLU O    O N N 97  
GLU CB   C N N 98  
GLU CG   C N N 99  
GLU CD   C N N 100 
GLU OE1  O N N 101 
GLU OE2  O N N 102 
GLU OXT  O N N 103 
GLU H    H N N 104 
GLU H2   H N N 105 
GLU HA   H N N 106 
GLU HB2  H N N 107 
GLU HB3  H N N 108 
GLU HG2  H N N 109 
GLU HG3  H N N 110 
GLU HE2  H N N 111 
GLU HXT  H N N 112 
GLY N    N N N 113 
GLY CA   C N N 114 
GLY C    C N N 115 
GLY O    O N N 116 
GLY OXT  O N N 117 
GLY H    H N N 118 
GLY H2   H N N 119 
GLY HA2  H N N 120 
GLY HA3  H N N 121 
GLY HXT  H N N 122 
HIS N    N N N 123 
HIS CA   C N S 124 
HIS C    C N N 125 
HIS O    O N N 126 
HIS CB   C N N 127 
HIS CG   C Y N 128 
HIS ND1  N Y N 129 
HIS CD2  C Y N 130 
HIS CE1  C Y N 131 
HIS NE2  N Y N 132 
HIS OXT  O N N 133 
HIS H    H N N 134 
HIS H2   H N N 135 
HIS HA   H N N 136 
HIS HB2  H N N 137 
HIS HB3  H N N 138 
HIS HD1  H N N 139 
HIS HD2  H N N 140 
HIS HE1  H N N 141 
HIS HE2  H N N 142 
HIS HXT  H N N 143 
HOH O    O N N 144 
HOH H1   H N N 145 
HOH H2   H N N 146 
ILE N    N N N 147 
ILE CA   C N S 148 
ILE C    C N N 149 
ILE O    O N N 150 
ILE CB   C N S 151 
ILE CG1  C N N 152 
ILE CG2  C N N 153 
ILE CD1  C N N 154 
ILE OXT  O N N 155 
ILE H    H N N 156 
ILE H2   H N N 157 
ILE HA   H N N 158 
ILE HB   H N N 159 
ILE HG12 H N N 160 
ILE HG13 H N N 161 
ILE HG21 H N N 162 
ILE HG22 H N N 163 
ILE HG23 H N N 164 
ILE HD11 H N N 165 
ILE HD12 H N N 166 
ILE HD13 H N N 167 
ILE HXT  H N N 168 
LEU N    N N N 169 
LEU CA   C N S 170 
LEU C    C N N 171 
LEU O    O N N 172 
LEU CB   C N N 173 
LEU CG   C N N 174 
LEU CD1  C N N 175 
LEU CD2  C N N 176 
LEU OXT  O N N 177 
LEU H    H N N 178 
LEU H2   H N N 179 
LEU HA   H N N 180 
LEU HB2  H N N 181 
LEU HB3  H N N 182 
LEU HG   H N N 183 
LEU HD11 H N N 184 
LEU HD12 H N N 185 
LEU HD13 H N N 186 
LEU HD21 H N N 187 
LEU HD22 H N N 188 
LEU HD23 H N N 189 
LEU HXT  H N N 190 
LYS N    N N N 191 
LYS CA   C N S 192 
LYS C    C N N 193 
LYS O    O N N 194 
LYS CB   C N N 195 
LYS CG   C N N 196 
LYS CD   C N N 197 
LYS CE   C N N 198 
LYS NZ   N N N 199 
LYS OXT  O N N 200 
LYS H    H N N 201 
LYS H2   H N N 202 
LYS HA   H N N 203 
LYS HB2  H N N 204 
LYS HB3  H N N 205 
LYS HG2  H N N 206 
LYS HG3  H N N 207 
LYS HD2  H N N 208 
LYS HD3  H N N 209 
LYS HE2  H N N 210 
LYS HE3  H N N 211 
LYS HZ1  H N N 212 
LYS HZ2  H N N 213 
LYS HZ3  H N N 214 
LYS HXT  H N N 215 
MET N    N N N 216 
MET CA   C N S 217 
MET C    C N N 218 
MET O    O N N 219 
MET CB   C N N 220 
MET CG   C N N 221 
MET SD   S N N 222 
MET CE   C N N 223 
MET OXT  O N N 224 
MET H    H N N 225 
MET H2   H N N 226 
MET HA   H N N 227 
MET HB2  H N N 228 
MET HB3  H N N 229 
MET HG2  H N N 230 
MET HG3  H N N 231 
MET HE1  H N N 232 
MET HE2  H N N 233 
MET HE3  H N N 234 
MET HXT  H N N 235 
PRO N    N N N 236 
PRO CA   C N S 237 
PRO C    C N N 238 
PRO O    O N N 239 
PRO CB   C N N 240 
PRO CG   C N N 241 
PRO CD   C N N 242 
PRO OXT  O N N 243 
PRO H    H N N 244 
PRO HA   H N N 245 
PRO HB2  H N N 246 
PRO HB3  H N N 247 
PRO HG2  H N N 248 
PRO HG3  H N N 249 
PRO HD2  H N N 250 
PRO HD3  H N N 251 
PRO HXT  H N N 252 
SER N    N N N 253 
SER CA   C N S 254 
SER C    C N N 255 
SER O    O N N 256 
SER CB   C N N 257 
SER OG   O N N 258 
SER OXT  O N N 259 
SER H    H N N 260 
SER H2   H N N 261 
SER HA   H N N 262 
SER HB2  H N N 263 
SER HB3  H N N 264 
SER HG   H N N 265 
SER HXT  H N N 266 
SO4 S    S N N 267 
SO4 O1   O N N 268 
SO4 O2   O N N 269 
SO4 O3   O N N 270 
SO4 O4   O N N 271 
THR N    N N N 272 
THR CA   C N S 273 
THR C    C N N 274 
THR O    O N N 275 
THR CB   C N R 276 
THR OG1  O N N 277 
THR CG2  C N N 278 
THR OXT  O N N 279 
THR H    H N N 280 
THR H2   H N N 281 
THR HA   H N N 282 
THR HB   H N N 283 
THR HG1  H N N 284 
THR HG21 H N N 285 
THR HG22 H N N 286 
THR HG23 H N N 287 
THR HXT  H N N 288 
TRP N    N N N 289 
TRP CA   C N S 290 
TRP C    C N N 291 
TRP O    O N N 292 
TRP CB   C N N 293 
TRP CG   C Y N 294 
TRP CD1  C Y N 295 
TRP CD2  C Y N 296 
TRP NE1  N Y N 297 
TRP CE2  C Y N 298 
TRP CE3  C Y N 299 
TRP CZ2  C Y N 300 
TRP CZ3  C Y N 301 
TRP CH2  C Y N 302 
TRP OXT  O N N 303 
TRP H    H N N 304 
TRP H2   H N N 305 
TRP HA   H N N 306 
TRP HB2  H N N 307 
TRP HB3  H N N 308 
TRP HD1  H N N 309 
TRP HE1  H N N 310 
TRP HE3  H N N 311 
TRP HZ2  H N N 312 
TRP HZ3  H N N 313 
TRP HH2  H N N 314 
TRP HXT  H N N 315 
TYR N    N N N 316 
TYR CA   C N S 317 
TYR C    C N N 318 
TYR O    O N N 319 
TYR CB   C N N 320 
TYR CG   C Y N 321 
TYR CD1  C Y N 322 
TYR CD2  C Y N 323 
TYR CE1  C Y N 324 
TYR CE2  C Y N 325 
TYR CZ   C Y N 326 
TYR OH   O N N 327 
TYR OXT  O N N 328 
TYR H    H N N 329 
TYR H2   H N N 330 
TYR HA   H N N 331 
TYR HB2  H N N 332 
TYR HB3  H N N 333 
TYR HD1  H N N 334 
TYR HD2  H N N 335 
TYR HE1  H N N 336 
TYR HE2  H N N 337 
TYR HH   H N N 338 
TYR HXT  H N N 339 
VAL N    N N N 340 
VAL CA   C N S 341 
VAL C    C N N 342 
VAL O    O N N 343 
VAL CB   C N N 344 
VAL CG1  C N N 345 
VAL CG2  C N N 346 
VAL OXT  O N N 347 
VAL H    H N N 348 
VAL H2   H N N 349 
VAL HA   H N N 350 
VAL HB   H N N 351 
VAL HG11 H N N 352 
VAL HG12 H N N 353 
VAL HG13 H N N 354 
VAL HG21 H N N 355 
VAL HG22 H N N 356 
VAL HG23 H N N 357 
VAL HXT  H N N 358 
# 
loop_
_chem_comp_bond.comp_id 
_chem_comp_bond.atom_id_1 
_chem_comp_bond.atom_id_2 
_chem_comp_bond.value_order 
_chem_comp_bond.pdbx_aromatic_flag 
_chem_comp_bond.pdbx_stereo_config 
_chem_comp_bond.pdbx_ordinal 
ALA N   CA   sing N N 1   
ALA N   H    sing N N 2   
ALA N   H2   sing N N 3   
ALA CA  C    sing N N 4   
ALA CA  CB   sing N N 5   
ALA CA  HA   sing N N 6   
ALA C   O    doub N N 7   
ALA C   OXT  sing N N 8   
ALA CB  HB1  sing N N 9   
ALA CB  HB2  sing N N 10  
ALA CB  HB3  sing N N 11  
ALA OXT HXT  sing N N 12  
ARG N   CA   sing N N 13  
ARG N   H    sing N N 14  
ARG N   H2   sing N N 15  
ARG CA  C    sing N N 16  
ARG CA  CB   sing N N 17  
ARG CA  HA   sing N N 18  
ARG C   O    doub N N 19  
ARG C   OXT  sing N N 20  
ARG CB  CG   sing N N 21  
ARG CB  HB2  sing N N 22  
ARG CB  HB3  sing N N 23  
ARG CG  CD   sing N N 24  
ARG CG  HG2  sing N N 25  
ARG CG  HG3  sing N N 26  
ARG CD  NE   sing N N 27  
ARG CD  HD2  sing N N 28  
ARG CD  HD3  sing N N 29  
ARG NE  CZ   sing N N 30  
ARG NE  HE   sing N N 31  
ARG CZ  NH1  sing N N 32  
ARG CZ  NH2  doub N N 33  
ARG NH1 HH11 sing N N 34  
ARG NH1 HH12 sing N N 35  
ARG NH2 HH21 sing N N 36  
ARG NH2 HH22 sing N N 37  
ARG OXT HXT  sing N N 38  
ASN N   CA   sing N N 39  
ASN N   H    sing N N 40  
ASN N   H2   sing N N 41  
ASN CA  C    sing N N 42  
ASN CA  CB   sing N N 43  
ASN CA  HA   sing N N 44  
ASN C   O    doub N N 45  
ASN C   OXT  sing N N 46  
ASN CB  CG   sing N N 47  
ASN CB  HB2  sing N N 48  
ASN CB  HB3  sing N N 49  
ASN CG  OD1  doub N N 50  
ASN CG  ND2  sing N N 51  
ASN ND2 HD21 sing N N 52  
ASN ND2 HD22 sing N N 53  
ASN OXT HXT  sing N N 54  
ASP N   CA   sing N N 55  
ASP N   H    sing N N 56  
ASP N   H2   sing N N 57  
ASP CA  C    sing N N 58  
ASP CA  CB   sing N N 59  
ASP CA  HA   sing N N 60  
ASP C   O    doub N N 61  
ASP C   OXT  sing N N 62  
ASP CB  CG   sing N N 63  
ASP CB  HB2  sing N N 64  
ASP CB  HB3  sing N N 65  
ASP CG  OD1  doub N N 66  
ASP CG  OD2  sing N N 67  
ASP OD2 HD2  sing N N 68  
ASP OXT HXT  sing N N 69  
GLN N   CA   sing N N 70  
GLN N   H    sing N N 71  
GLN N   H2   sing N N 72  
GLN CA  C    sing N N 73  
GLN CA  CB   sing N N 74  
GLN CA  HA   sing N N 75  
GLN C   O    doub N N 76  
GLN C   OXT  sing N N 77  
GLN CB  CG   sing N N 78  
GLN CB  HB2  sing N N 79  
GLN CB  HB3  sing N N 80  
GLN CG  CD   sing N N 81  
GLN CG  HG2  sing N N 82  
GLN CG  HG3  sing N N 83  
GLN CD  OE1  doub N N 84  
GLN CD  NE2  sing N N 85  
GLN NE2 HE21 sing N N 86  
GLN NE2 HE22 sing N N 87  
GLN OXT HXT  sing N N 88  
GLU N   CA   sing N N 89  
GLU N   H    sing N N 90  
GLU N   H2   sing N N 91  
GLU CA  C    sing N N 92  
GLU CA  CB   sing N N 93  
GLU CA  HA   sing N N 94  
GLU C   O    doub N N 95  
GLU C   OXT  sing N N 96  
GLU CB  CG   sing N N 97  
GLU CB  HB2  sing N N 98  
GLU CB  HB3  sing N N 99  
GLU CG  CD   sing N N 100 
GLU CG  HG2  sing N N 101 
GLU CG  HG3  sing N N 102 
GLU CD  OE1  doub N N 103 
GLU CD  OE2  sing N N 104 
GLU OE2 HE2  sing N N 105 
GLU OXT HXT  sing N N 106 
GLY N   CA   sing N N 107 
GLY N   H    sing N N 108 
GLY N   H2   sing N N 109 
GLY CA  C    sing N N 110 
GLY CA  HA2  sing N N 111 
GLY CA  HA3  sing N N 112 
GLY C   O    doub N N 113 
GLY C   OXT  sing N N 114 
GLY OXT HXT  sing N N 115 
HIS N   CA   sing N N 116 
HIS N   H    sing N N 117 
HIS N   H2   sing N N 118 
HIS CA  C    sing N N 119 
HIS CA  CB   sing N N 120 
HIS CA  HA   sing N N 121 
HIS C   O    doub N N 122 
HIS C   OXT  sing N N 123 
HIS CB  CG   sing N N 124 
HIS CB  HB2  sing N N 125 
HIS CB  HB3  sing N N 126 
HIS CG  ND1  sing Y N 127 
HIS CG  CD2  doub Y N 128 
HIS ND1 CE1  doub Y N 129 
HIS ND1 HD1  sing N N 130 
HIS CD2 NE2  sing Y N 131 
HIS CD2 HD2  sing N N 132 
HIS CE1 NE2  sing Y N 133 
HIS CE1 HE1  sing N N 134 
HIS NE2 HE2  sing N N 135 
HIS OXT HXT  sing N N 136 
HOH O   H1   sing N N 137 
HOH O   H2   sing N N 138 
ILE N   CA   sing N N 139 
ILE N   H    sing N N 140 
ILE N   H2   sing N N 141 
ILE CA  C    sing N N 142 
ILE CA  CB   sing N N 143 
ILE CA  HA   sing N N 144 
ILE C   O    doub N N 145 
ILE C   OXT  sing N N 146 
ILE CB  CG1  sing N N 147 
ILE CB  CG2  sing N N 148 
ILE CB  HB   sing N N 149 
ILE CG1 CD1  sing N N 150 
ILE CG1 HG12 sing N N 151 
ILE CG1 HG13 sing N N 152 
ILE CG2 HG21 sing N N 153 
ILE CG2 HG22 sing N N 154 
ILE CG2 HG23 sing N N 155 
ILE CD1 HD11 sing N N 156 
ILE CD1 HD12 sing N N 157 
ILE CD1 HD13 sing N N 158 
ILE OXT HXT  sing N N 159 
LEU N   CA   sing N N 160 
LEU N   H    sing N N 161 
LEU N   H2   sing N N 162 
LEU CA  C    sing N N 163 
LEU CA  CB   sing N N 164 
LEU CA  HA   sing N N 165 
LEU C   O    doub N N 166 
LEU C   OXT  sing N N 167 
LEU CB  CG   sing N N 168 
LEU CB  HB2  sing N N 169 
LEU CB  HB3  sing N N 170 
LEU CG  CD1  sing N N 171 
LEU CG  CD2  sing N N 172 
LEU CG  HG   sing N N 173 
LEU CD1 HD11 sing N N 174 
LEU CD1 HD12 sing N N 175 
LEU CD1 HD13 sing N N 176 
LEU CD2 HD21 sing N N 177 
LEU CD2 HD22 sing N N 178 
LEU CD2 HD23 sing N N 179 
LEU OXT HXT  sing N N 180 
LYS N   CA   sing N N 181 
LYS N   H    sing N N 182 
LYS N   H2   sing N N 183 
LYS CA  C    sing N N 184 
LYS CA  CB   sing N N 185 
LYS CA  HA   sing N N 186 
LYS C   O    doub N N 187 
LYS C   OXT  sing N N 188 
LYS CB  CG   sing N N 189 
LYS CB  HB2  sing N N 190 
LYS CB  HB3  sing N N 191 
LYS CG  CD   sing N N 192 
LYS CG  HG2  sing N N 193 
LYS CG  HG3  sing N N 194 
LYS CD  CE   sing N N 195 
LYS CD  HD2  sing N N 196 
LYS CD  HD3  sing N N 197 
LYS CE  NZ   sing N N 198 
LYS CE  HE2  sing N N 199 
LYS CE  HE3  sing N N 200 
LYS NZ  HZ1  sing N N 201 
LYS NZ  HZ2  sing N N 202 
LYS NZ  HZ3  sing N N 203 
LYS OXT HXT  sing N N 204 
MET N   CA   sing N N 205 
MET N   H    sing N N 206 
MET N   H2   sing N N 207 
MET CA  C    sing N N 208 
MET CA  CB   sing N N 209 
MET CA  HA   sing N N 210 
MET C   O    doub N N 211 
MET C   OXT  sing N N 212 
MET CB  CG   sing N N 213 
MET CB  HB2  sing N N 214 
MET CB  HB3  sing N N 215 
MET CG  SD   sing N N 216 
MET CG  HG2  sing N N 217 
MET CG  HG3  sing N N 218 
MET SD  CE   sing N N 219 
MET CE  HE1  sing N N 220 
MET CE  HE2  sing N N 221 
MET CE  HE3  sing N N 222 
MET OXT HXT  sing N N 223 
PRO N   CA   sing N N 224 
PRO N   CD   sing N N 225 
PRO N   H    sing N N 226 
PRO CA  C    sing N N 227 
PRO CA  CB   sing N N 228 
PRO CA  HA   sing N N 229 
PRO C   O    doub N N 230 
PRO C   OXT  sing N N 231 
PRO CB  CG   sing N N 232 
PRO CB  HB2  sing N N 233 
PRO CB  HB3  sing N N 234 
PRO CG  CD   sing N N 235 
PRO CG  HG2  sing N N 236 
PRO CG  HG3  sing N N 237 
PRO CD  HD2  sing N N 238 
PRO CD  HD3  sing N N 239 
PRO OXT HXT  sing N N 240 
SER N   CA   sing N N 241 
SER N   H    sing N N 242 
SER N   H2   sing N N 243 
SER CA  C    sing N N 244 
SER CA  CB   sing N N 245 
SER CA  HA   sing N N 246 
SER C   O    doub N N 247 
SER C   OXT  sing N N 248 
SER CB  OG   sing N N 249 
SER CB  HB2  sing N N 250 
SER CB  HB3  sing N N 251 
SER OG  HG   sing N N 252 
SER OXT HXT  sing N N 253 
SO4 S   O1   doub N N 254 
SO4 S   O2   doub N N 255 
SO4 S   O3   sing N N 256 
SO4 S   O4   sing N N 257 
THR N   CA   sing N N 258 
THR N   H    sing N N 259 
THR N   H2   sing N N 260 
THR CA  C    sing N N 261 
THR CA  CB   sing N N 262 
THR CA  HA   sing N N 263 
THR C   O    doub N N 264 
THR C   OXT  sing N N 265 
THR CB  OG1  sing N N 266 
THR CB  CG2  sing N N 267 
THR CB  HB   sing N N 268 
THR OG1 HG1  sing N N 269 
THR CG2 HG21 sing N N 270 
THR CG2 HG22 sing N N 271 
THR CG2 HG23 sing N N 272 
THR OXT HXT  sing N N 273 
TRP N   CA   sing N N 274 
TRP N   H    sing N N 275 
TRP N   H2   sing N N 276 
TRP CA  C    sing N N 277 
TRP CA  CB   sing N N 278 
TRP CA  HA   sing N N 279 
TRP C   O    doub N N 280 
TRP C   OXT  sing N N 281 
TRP CB  CG   sing N N 282 
TRP CB  HB2  sing N N 283 
TRP CB  HB3  sing N N 284 
TRP CG  CD1  doub Y N 285 
TRP CG  CD2  sing Y N 286 
TRP CD1 NE1  sing Y N 287 
TRP CD1 HD1  sing N N 288 
TRP CD2 CE2  doub Y N 289 
TRP CD2 CE3  sing Y N 290 
TRP NE1 CE2  sing Y N 291 
TRP NE1 HE1  sing N N 292 
TRP CE2 CZ2  sing Y N 293 
TRP CE3 CZ3  doub Y N 294 
TRP CE3 HE3  sing N N 295 
TRP CZ2 CH2  doub Y N 296 
TRP CZ2 HZ2  sing N N 297 
TRP CZ3 CH2  sing Y N 298 
TRP CZ3 HZ3  sing N N 299 
TRP CH2 HH2  sing N N 300 
TRP OXT HXT  sing N N 301 
TYR N   CA   sing N N 302 
TYR N   H    sing N N 303 
TYR N   H2   sing N N 304 
TYR CA  C    sing N N 305 
TYR CA  CB   sing N N 306 
TYR CA  HA   sing N N 307 
TYR C   O    doub N N 308 
TYR C   OXT  sing N N 309 
TYR CB  CG   sing N N 310 
TYR CB  HB2  sing N N 311 
TYR CB  HB3  sing N N 312 
TYR CG  CD1  doub Y N 313 
TYR CG  CD2  sing Y N 314 
TYR CD1 CE1  sing Y N 315 
TYR CD1 HD1  sing N N 316 
TYR CD2 CE2  doub Y N 317 
TYR CD2 HD2  sing N N 318 
TYR CE1 CZ   doub Y N 319 
TYR CE1 HE1  sing N N 320 
TYR CE2 CZ   sing Y N 321 
TYR CE2 HE2  sing N N 322 
TYR CZ  OH   sing N N 323 
TYR OH  HH   sing N N 324 
TYR OXT HXT  sing N N 325 
VAL N   CA   sing N N 326 
VAL N   H    sing N N 327 
VAL N   H2   sing N N 328 
VAL CA  C    sing N N 329 
VAL CA  CB   sing N N 330 
VAL CA  HA   sing N N 331 
VAL C   O    doub N N 332 
VAL C   OXT  sing N N 333 
VAL CB  CG1  sing N N 334 
VAL CB  CG2  sing N N 335 
VAL CB  HB   sing N N 336 
VAL CG1 HG11 sing N N 337 
VAL CG1 HG12 sing N N 338 
VAL CG1 HG13 sing N N 339 
VAL CG2 HG21 sing N N 340 
VAL CG2 HG22 sing N N 341 
VAL CG2 HG23 sing N N 342 
VAL OXT HXT  sing N N 343 
# 
_pdbx_audit_support.funding_organization   'National Research Foundation (NRF, Korea)' 
_pdbx_audit_support.country                'Korea, Republic Of' 
_pdbx_audit_support.grant_number           ? 
_pdbx_audit_support.ordinal                1 
# 
loop_
_pdbx_entity_nonpoly.entity_id 
_pdbx_entity_nonpoly.name 
_pdbx_entity_nonpoly.comp_id 
2 'SULFATE ION' SO4 
3 water         HOH 
# 
_pdbx_initial_refinement_model.id               1 
_pdbx_initial_refinement_model.entity_id_list   ? 
_pdbx_initial_refinement_model.type             'experimental model' 
_pdbx_initial_refinement_model.source_name      PDB 
_pdbx_initial_refinement_model.accession_code   3TQ6 
_pdbx_initial_refinement_model.details          ? 
# 
_pdbx_struct_assembly_auth_evidence.id                     1 
_pdbx_struct_assembly_auth_evidence.assembly_id            1 
_pdbx_struct_assembly_auth_evidence.experimental_support   none 
_pdbx_struct_assembly_auth_evidence.details                ? 
# 
_space_group.name_H-M_alt     'P 32 2 1' 
_space_group.name_Hall        
;P 32 2"
;
_space_group.IT_number        154 
_space_group.crystal_system   trigonal 
_space_group.id               1 
# 
